data_6OAU
#
_entry.id   6OAU
#
_cell.length_a   177.480
_cell.length_b   97.250
_cell.length_c   77.210
_cell.angle_alpha   90.000
_cell.angle_beta   93.470
_cell.angle_gamma   90.000
#
_symmetry.space_group_name_H-M   'C 1 2 1'
#
loop_
_entity.id
_entity.type
_entity.pdbx_description
1 polymer 'Lipoprotein lipase'
2 polymer 'Glycosylphosphatidylinositol-anchored high density lipoprotein-binding protein 1'
3 non-polymer 2-acetamido-2-deoxy-beta-D-glucopyranose
4 non-polymer 'MALONATE ION'
5 non-polymer 'CALCIUM ION'
6 water water
#
loop_
_entity_poly.entity_id
_entity_poly.type
_entity_poly.pdbx_seq_one_letter_code
_entity_poly.pdbx_strand_id
1 'polypeptide(L)'
;ADQRRDFIDIESKFALRTPEDTAEDTCHLIPGVAESVATCHFNHSSKTFMVIHGWTVTGMYESWVPKLVAALYKREPDSN
VIVVDWLSRAQEHYPVSAGYTKLVGQDVARFINWMEEEFNYPLDNVHLLGYSLGAHAAGIAGSLTNKKVNRITGLDPAGP
NFEYAEAPSRLSPDDADFVDVLHTFTRGSPGRSIGIQKPVGHVDIYPNGGTFQPGCNIGEAIRVIAERGLGDVDQLVKCS
HERSIHLFIDSLLNEENPSKAYRCSSKEAFEKGLCLSCRKNRCNNLGYEINKVRAKRSSKMYLKTRSQMPYKVFHYQVKI
HFSGTESETHTNQAFEISLYGTVAESENIPFTLPEVSTNKTYSFLIYTEVDIGELLMLKLKWKSDSYFSWSDWWSSPGFA
IQKIRVKAGETQKKVIFCSREKVSHLQKGKAPAVFVKCHDKSLNKKSG
;
A,B
2 'polypeptide(L)'
;QTQQEEEEEDEDHGPDDYDEEDEDEVEEEETNRLPGGRSRVLLRCYTCKSLPRDERCDLTQDCSHGQTCTTLIAHGNTES
GLLTTHSTWCTDSCQPITKTVEGTQVTMTCCQSSLCNVPPWQSSRVQDPTG
;
C,D
#
loop_
_chem_comp.id
_chem_comp.type
_chem_comp.name
_chem_comp.formula
CA non-polymer 'CALCIUM ION' 'Ca 2'
MLI non-polymer 'MALONATE ION' 'C3 H2 O4 -2'
NAG D-saccharide, beta linking 2-acetamido-2-deoxy-beta-D-glucopyranose 'C8 H15 N O6'
#
# COMPACT_ATOMS: atom_id res chain seq x y z
N GLN A 3 -34.11 -25.73 -48.71
CA GLN A 3 -32.78 -26.02 -48.18
C GLN A 3 -32.76 -26.25 -46.67
N ARG A 4 -33.88 -25.92 -45.96
CA ARG A 4 -34.05 -26.01 -44.49
C ARG A 4 -33.46 -27.29 -43.85
N ARG A 5 -33.47 -28.43 -44.58
CA ARG A 5 -32.92 -29.73 -44.18
C ARG A 5 -31.43 -29.63 -43.83
N ASP A 6 -30.66 -28.91 -44.66
CA ASP A 6 -29.22 -28.67 -44.55
C ASP A 6 -28.79 -27.84 -43.32
N PHE A 7 -29.72 -27.10 -42.68
CA PHE A 7 -29.39 -26.23 -41.52
C PHE A 7 -30.24 -26.55 -40.27
N ILE A 8 -30.95 -27.68 -40.30
CA ILE A 8 -31.86 -28.11 -39.24
C ILE A 8 -31.12 -28.43 -37.90
N ASP A 9 -29.82 -28.82 -37.96
CA ASP A 9 -29.03 -29.11 -36.75
C ASP A 9 -28.58 -27.87 -35.97
N ILE A 10 -28.72 -26.66 -36.53
CA ILE A 10 -28.33 -25.39 -35.91
C ILE A 10 -29.27 -25.02 -34.75
N GLU A 11 -28.71 -24.90 -33.55
CA GLU A 11 -29.46 -24.54 -32.33
C GLU A 11 -29.50 -23.02 -32.10
N SER A 12 -28.47 -22.26 -32.54
CA SER A 12 -28.43 -20.79 -32.38
C SER A 12 -29.48 -20.11 -33.24
N LYS A 13 -30.12 -19.05 -32.72
CA LYS A 13 -31.15 -18.30 -33.46
C LYS A 13 -30.65 -16.91 -33.80
N PHE A 14 -31.06 -16.37 -34.93
CA PHE A 14 -30.57 -15.10 -35.47
C PHE A 14 -31.71 -14.14 -35.65
N ALA A 15 -31.96 -13.28 -34.66
CA ALA A 15 -33.06 -12.32 -34.68
C ALA A 15 -32.65 -10.97 -35.25
N LEU A 16 -33.29 -10.58 -36.35
CA LEU A 16 -32.97 -9.29 -36.93
C LEU A 16 -33.84 -8.18 -36.27
N ARG A 17 -33.25 -7.48 -35.26
CA ARG A 17 -33.94 -6.39 -34.57
C ARG A 17 -33.95 -5.14 -35.44
N THR A 18 -34.77 -4.14 -35.07
CA THR A 18 -34.96 -2.89 -35.82
C THR A 18 -34.77 -1.67 -34.91
N PRO A 19 -34.58 -0.42 -35.43
CA PRO A 19 -34.46 0.76 -34.54
C PRO A 19 -35.67 1.02 -33.66
N GLU A 20 -36.86 0.63 -34.13
CA GLU A 20 -38.11 0.85 -33.42
C GLU A 20 -38.41 -0.26 -32.44
N ASP A 21 -37.86 -1.45 -32.66
CA ASP A 21 -38.05 -2.63 -31.82
C ASP A 21 -36.69 -3.32 -31.49
N THR A 22 -36.04 -2.79 -30.46
CA THR A 22 -34.70 -3.18 -30.00
C THR A 22 -34.62 -4.20 -28.89
N ALA A 23 -35.73 -4.43 -28.14
CA ALA A 23 -35.71 -5.28 -26.94
C ALA A 23 -36.07 -6.73 -27.14
N GLU A 24 -36.89 -7.02 -28.13
CA GLU A 24 -37.38 -8.39 -28.38
C GLU A 24 -36.85 -9.00 -29.65
N ASP A 25 -36.73 -10.33 -29.65
CA ASP A 25 -36.37 -11.17 -30.78
C ASP A 25 -37.65 -11.46 -31.55
N THR A 26 -38.15 -10.47 -32.26
CA THR A 26 -39.39 -10.53 -33.03
C THR A 26 -39.27 -11.32 -34.32
N CYS A 27 -38.29 -10.97 -35.14
CA CYS A 27 -38.15 -11.57 -36.46
C CYS A 27 -36.87 -12.36 -36.58
N HIS A 28 -36.96 -13.62 -36.99
CA HIS A 28 -35.79 -14.46 -37.14
C HIS A 28 -35.35 -14.70 -38.58
N LEU A 29 -34.05 -14.58 -38.80
CA LEU A 29 -33.40 -14.92 -40.06
C LEU A 29 -33.07 -16.39 -39.83
N ILE A 30 -33.87 -17.27 -40.48
CA ILE A 30 -33.75 -18.73 -40.35
C ILE A 30 -32.82 -19.29 -41.46
N PRO A 31 -31.66 -19.91 -41.10
CA PRO A 31 -30.78 -20.48 -42.14
C PRO A 31 -31.49 -21.50 -43.04
N GLY A 32 -31.24 -21.41 -44.35
CA GLY A 32 -31.84 -22.26 -45.38
C GLY A 32 -33.19 -21.80 -45.94
N VAL A 33 -33.80 -20.77 -45.31
CA VAL A 33 -35.08 -20.20 -45.70
C VAL A 33 -34.83 -18.75 -46.13
N ALA A 34 -34.46 -18.56 -47.42
CA ALA A 34 -34.17 -17.27 -48.06
C ALA A 34 -35.31 -16.26 -47.90
N GLU A 35 -36.57 -16.76 -47.81
CA GLU A 35 -37.79 -15.96 -47.67
C GLU A 35 -37.82 -15.22 -46.34
N SER A 36 -37.23 -15.79 -45.26
CA SER A 36 -37.19 -15.15 -43.93
C SER A 36 -36.39 -13.84 -43.93
N VAL A 37 -35.36 -13.73 -44.80
CA VAL A 37 -34.49 -12.55 -44.95
C VAL A 37 -35.31 -11.34 -45.43
N ALA A 38 -36.25 -11.58 -46.34
CA ALA A 38 -37.18 -10.61 -46.93
C ALA A 38 -38.26 -10.22 -45.93
N THR A 39 -38.78 -11.20 -45.15
CA THR A 39 -39.82 -11.01 -44.13
C THR A 39 -39.34 -10.05 -43.04
N CYS A 40 -38.06 -10.23 -42.62
CA CYS A 40 -37.39 -9.43 -41.59
C CYS A 40 -36.83 -8.13 -42.12
N HIS A 41 -36.93 -7.91 -43.43
CA HIS A 41 -36.54 -6.70 -44.16
C HIS A 41 -35.04 -6.40 -44.04
N PHE A 42 -34.21 -7.43 -44.21
CA PHE A 42 -32.75 -7.25 -44.17
C PHE A 42 -32.35 -6.42 -45.38
N ASN A 43 -31.65 -5.30 -45.14
CA ASN A 43 -31.22 -4.38 -46.20
C ASN A 43 -29.87 -4.83 -46.70
N HIS A 44 -29.83 -5.37 -47.90
CA HIS A 44 -28.67 -5.94 -48.56
C HIS A 44 -27.61 -4.92 -48.88
N SER A 45 -27.96 -3.62 -48.82
CA SER A 45 -27.09 -2.46 -49.13
C SER A 45 -26.33 -1.96 -47.91
N SER A 46 -26.67 -2.49 -46.74
CA SER A 46 -26.11 -2.04 -45.49
C SER A 46 -25.21 -3.04 -44.80
N LYS A 47 -24.30 -2.53 -43.95
CA LYS A 47 -23.42 -3.37 -43.12
C LYS A 47 -24.23 -4.08 -42.05
N THR A 48 -23.73 -5.28 -41.63
CA THR A 48 -24.36 -6.12 -40.63
C THR A 48 -23.50 -6.23 -39.37
N PHE A 49 -24.12 -5.92 -38.22
CA PHE A 49 -23.63 -6.07 -36.87
C PHE A 49 -24.34 -7.30 -36.28
N MET A 50 -23.57 -8.32 -35.89
CA MET A 50 -24.04 -9.53 -35.22
C MET A 50 -23.57 -9.45 -33.76
N VAL A 51 -24.53 -9.24 -32.82
CA VAL A 51 -24.35 -9.19 -31.37
C VAL A 51 -24.40 -10.65 -30.85
N ILE A 52 -23.35 -11.06 -30.11
CA ILE A 52 -23.22 -12.39 -29.51
C ILE A 52 -23.03 -12.22 -27.99
N HIS A 53 -24.03 -12.62 -27.21
CA HIS A 53 -24.02 -12.53 -25.74
C HIS A 53 -23.07 -13.54 -25.07
N GLY A 54 -22.94 -13.44 -23.76
CA GLY A 54 -22.11 -14.39 -23.04
C GLY A 54 -22.91 -15.39 -22.23
N TRP A 55 -22.31 -15.81 -21.10
CA TRP A 55 -22.85 -16.73 -20.11
C TRP A 55 -24.02 -16.02 -19.39
N THR A 56 -25.15 -16.72 -19.21
CA THR A 56 -26.32 -16.16 -18.54
C THR A 56 -26.85 -17.18 -17.56
N VAL A 57 -26.70 -16.88 -16.28
CA VAL A 57 -27.11 -17.74 -15.16
C VAL A 57 -28.64 -17.97 -15.14
N THR A 58 -29.41 -17.07 -15.80
CA THR A 58 -30.88 -17.08 -15.87
C THR A 58 -31.45 -17.59 -17.20
N GLY A 59 -30.60 -17.72 -18.22
CA GLY A 59 -31.02 -18.20 -19.54
C GLY A 59 -31.81 -17.20 -20.35
N MET A 60 -31.82 -15.95 -19.92
CA MET A 60 -32.48 -14.87 -20.64
C MET A 60 -31.48 -13.73 -20.87
N TYR A 61 -31.77 -12.84 -21.84
CA TYR A 61 -30.95 -11.69 -22.19
C TYR A 61 -30.67 -10.80 -20.99
N GLU A 62 -29.39 -10.40 -20.86
CA GLU A 62 -28.96 -9.46 -19.83
C GLU A 62 -29.46 -8.10 -20.39
N SER A 63 -29.79 -7.13 -19.50
CA SER A 63 -30.32 -5.81 -19.87
C SER A 63 -29.43 -4.91 -20.80
N TRP A 64 -28.16 -5.30 -21.06
CA TRP A 64 -27.24 -4.54 -21.94
C TRP A 64 -27.56 -4.73 -23.42
N VAL A 65 -28.15 -5.90 -23.79
CA VAL A 65 -28.51 -6.28 -25.15
C VAL A 65 -29.43 -5.22 -25.81
N PRO A 66 -30.61 -4.84 -25.25
CA PRO A 66 -31.43 -3.81 -25.93
C PRO A 66 -30.72 -2.47 -26.06
N LYS A 67 -29.81 -2.17 -25.10
CA LYS A 67 -28.99 -0.94 -25.01
C LYS A 67 -27.95 -0.86 -26.14
N LEU A 68 -27.24 -1.98 -26.43
CA LEU A 68 -26.25 -2.01 -27.50
C LEU A 68 -26.88 -1.90 -28.85
N VAL A 69 -27.96 -2.68 -29.09
CA VAL A 69 -28.78 -2.71 -30.32
C VAL A 69 -29.32 -1.31 -30.58
N ALA A 70 -29.80 -0.60 -29.50
CA ALA A 70 -30.29 0.79 -29.59
C ALA A 70 -29.16 1.74 -30.01
N ALA A 71 -27.96 1.59 -29.42
CA ALA A 71 -26.81 2.43 -29.73
C ALA A 71 -26.30 2.21 -31.15
N LEU A 72 -26.26 0.93 -31.63
CA LEU A 72 -25.83 0.57 -32.99
C LEU A 72 -26.78 1.13 -34.09
N TYR A 73 -28.11 1.22 -33.81
CA TYR A 73 -29.09 1.77 -34.76
C TYR A 73 -29.10 3.28 -34.74
N LYS A 74 -28.72 3.88 -33.58
CA LYS A 74 -28.64 5.34 -33.42
C LYS A 74 -27.45 5.80 -34.25
N ARG A 75 -26.29 5.15 -34.07
CA ARG A 75 -25.06 5.44 -34.80
C ARG A 75 -25.18 5.04 -36.27
N GLU A 76 -25.60 3.80 -36.57
CA GLU A 76 -25.76 3.34 -37.95
C GLU A 76 -27.25 3.02 -38.23
N PRO A 77 -28.08 4.02 -38.60
CA PRO A 77 -29.53 3.78 -38.77
C PRO A 77 -29.99 2.84 -39.90
N ASP A 78 -29.21 2.70 -41.00
CA ASP A 78 -29.58 1.85 -42.14
C ASP A 78 -29.03 0.41 -42.05
N SER A 79 -28.15 0.12 -41.08
CA SER A 79 -27.52 -1.20 -40.82
C SER A 79 -28.49 -2.28 -40.31
N ASN A 80 -28.01 -3.50 -40.22
CA ASN A 80 -28.77 -4.64 -39.73
C ASN A 80 -28.12 -5.13 -38.43
N VAL A 81 -28.88 -5.10 -37.36
CA VAL A 81 -28.41 -5.58 -36.08
C VAL A 81 -29.08 -6.91 -35.82
N ILE A 82 -28.31 -7.97 -35.95
CA ILE A 82 -28.72 -9.34 -35.70
C ILE A 82 -28.26 -9.71 -34.28
N VAL A 83 -29.18 -10.20 -33.45
CA VAL A 83 -28.83 -10.69 -32.12
C VAL A 83 -28.80 -12.22 -32.21
N VAL A 84 -27.64 -12.82 -31.91
CA VAL A 84 -27.44 -14.27 -31.88
C VAL A 84 -27.88 -14.80 -30.51
N ASP A 85 -28.86 -15.70 -30.52
CA ASP A 85 -29.43 -16.37 -29.36
C ASP A 85 -28.86 -17.78 -29.24
N TRP A 86 -28.06 -17.99 -28.20
CA TRP A 86 -27.47 -19.25 -27.80
C TRP A 86 -27.64 -19.42 -26.27
N LEU A 87 -28.78 -18.86 -25.74
CA LEU A 87 -29.18 -18.80 -24.33
C LEU A 87 -29.20 -20.17 -23.61
N SER A 88 -29.74 -21.24 -24.24
CA SER A 88 -29.75 -22.56 -23.60
C SER A 88 -28.32 -23.06 -23.44
N ARG A 89 -27.46 -22.85 -24.45
CA ARG A 89 -26.06 -23.26 -24.34
C ARG A 89 -25.30 -22.34 -23.34
N ALA A 90 -25.80 -21.10 -23.13
CA ALA A 90 -25.19 -20.11 -22.24
C ALA A 90 -25.60 -20.18 -20.76
N GLN A 91 -26.63 -21.00 -20.45
CA GLN A 91 -27.19 -21.21 -19.10
C GLN A 91 -26.87 -22.63 -18.60
N GLU A 92 -25.58 -22.95 -18.60
CA GLU A 92 -25.04 -24.24 -18.16
C GLU A 92 -23.85 -23.98 -17.23
N HIS A 93 -23.26 -25.02 -16.60
CA HIS A 93 -22.07 -24.88 -15.74
C HIS A 93 -21.01 -24.20 -16.62
N TYR A 94 -20.38 -23.12 -16.14
CA TYR A 94 -19.42 -22.33 -16.94
C TYR A 94 -18.50 -23.19 -17.86
N PRO A 95 -17.74 -24.22 -17.39
CA PRO A 95 -16.87 -24.96 -18.33
C PRO A 95 -17.61 -25.68 -19.46
N VAL A 96 -18.95 -25.90 -19.31
CA VAL A 96 -19.82 -26.54 -20.31
C VAL A 96 -20.17 -25.50 -21.38
N SER A 97 -20.73 -24.37 -20.91
CA SER A 97 -21.06 -23.19 -21.72
C SER A 97 -19.81 -22.69 -22.51
N ALA A 98 -18.59 -22.75 -21.92
CA ALA A 98 -17.34 -22.35 -22.54
C ALA A 98 -16.91 -23.26 -23.63
N GLY A 99 -17.32 -24.53 -23.54
CA GLY A 99 -17.09 -25.54 -24.57
C GLY A 99 -18.05 -25.37 -25.74
N TYR A 100 -19.27 -24.91 -25.45
CA TYR A 100 -20.33 -24.63 -26.43
C TYR A 100 -20.02 -23.47 -27.42
N THR A 101 -19.00 -22.65 -27.14
CA THR A 101 -18.61 -21.54 -28.02
C THR A 101 -18.12 -22.05 -29.36
N LYS A 102 -17.58 -23.29 -29.38
CA LYS A 102 -17.16 -23.95 -30.62
C LYS A 102 -18.38 -24.28 -31.48
N LEU A 103 -19.49 -24.76 -30.90
CA LEU A 103 -20.71 -25.08 -31.66
C LEU A 103 -21.45 -23.81 -32.10
N VAL A 104 -21.57 -22.82 -31.19
CA VAL A 104 -22.19 -21.53 -31.50
C VAL A 104 -21.40 -20.82 -32.63
N GLY A 105 -20.07 -20.92 -32.57
CA GLY A 105 -19.15 -20.41 -33.58
C GLY A 105 -19.40 -21.04 -34.94
N GLN A 106 -19.59 -22.34 -34.97
CA GLN A 106 -19.93 -23.12 -36.15
C GLN A 106 -21.29 -22.70 -36.77
N ASP A 107 -22.30 -22.52 -35.90
CA ASP A 107 -23.66 -22.07 -36.26
C ASP A 107 -23.61 -20.66 -36.86
N VAL A 108 -22.77 -19.76 -36.27
CA VAL A 108 -22.61 -18.38 -36.72
C VAL A 108 -21.93 -18.38 -38.07
N ALA A 109 -20.80 -19.10 -38.23
CA ALA A 109 -20.08 -19.22 -39.51
C ALA A 109 -20.98 -19.80 -40.63
N ARG A 110 -21.75 -20.89 -40.36
CA ARG A 110 -22.66 -21.51 -41.34
C ARG A 110 -23.75 -20.57 -41.78
N PHE A 111 -24.23 -19.71 -40.85
CA PHE A 111 -25.23 -18.69 -41.16
C PHE A 111 -24.63 -17.61 -42.02
N ILE A 112 -23.36 -17.14 -41.70
CA ILE A 112 -22.66 -16.08 -42.46
C ILE A 112 -22.37 -16.57 -43.91
N ASN A 113 -21.97 -17.83 -44.06
CA ASN A 113 -21.72 -18.54 -45.31
C ASN A 113 -23.00 -18.75 -46.11
N TRP A 114 -24.13 -19.03 -45.44
CA TRP A 114 -25.39 -19.19 -46.14
C TRP A 114 -25.83 -17.85 -46.74
N MET A 115 -25.60 -16.73 -46.02
CA MET A 115 -25.92 -15.38 -46.49
C MET A 115 -25.05 -14.98 -47.68
N GLU A 116 -23.79 -15.41 -47.66
CA GLU A 116 -22.82 -15.14 -48.73
C GLU A 116 -23.22 -15.92 -49.95
N GLU A 117 -23.46 -17.24 -49.78
CA GLU A 117 -23.84 -18.14 -50.85
C GLU A 117 -25.23 -17.83 -51.47
N GLU A 118 -26.27 -17.70 -50.63
CA GLU A 118 -27.64 -17.46 -51.06
C GLU A 118 -27.91 -16.07 -51.63
N PHE A 119 -27.32 -15.01 -51.08
CA PHE A 119 -27.59 -13.64 -51.55
C PHE A 119 -26.37 -12.83 -51.97
N ASN A 120 -25.20 -13.49 -52.06
CA ASN A 120 -23.91 -12.87 -52.41
C ASN A 120 -23.57 -11.66 -51.51
N TYR A 121 -24.03 -11.74 -50.27
CA TYR A 121 -23.79 -10.75 -49.24
C TYR A 121 -22.28 -10.71 -48.90
N PRO A 122 -21.62 -9.53 -48.92
CA PRO A 122 -20.18 -9.50 -48.62
C PRO A 122 -19.89 -9.57 -47.12
N LEU A 123 -18.96 -10.45 -46.76
CA LEU A 123 -18.48 -10.69 -45.41
C LEU A 123 -17.59 -9.54 -44.93
N ASP A 124 -17.15 -8.69 -45.88
CA ASP A 124 -16.40 -7.45 -45.63
C ASP A 124 -17.35 -6.37 -45.04
N ASN A 125 -18.68 -6.61 -45.08
CA ASN A 125 -19.74 -5.78 -44.50
C ASN A 125 -20.23 -6.35 -43.11
N VAL A 126 -19.49 -7.32 -42.54
CA VAL A 126 -19.86 -7.98 -41.29
C VAL A 126 -18.89 -7.64 -40.15
N HIS A 127 -19.47 -7.14 -39.05
CA HIS A 127 -18.83 -6.77 -37.82
C HIS A 127 -19.53 -7.61 -36.71
N LEU A 128 -18.75 -8.52 -36.08
CA LEU A 128 -19.17 -9.43 -35.00
C LEU A 128 -18.81 -8.78 -33.69
N LEU A 129 -19.78 -8.69 -32.76
CA LEU A 129 -19.56 -8.09 -31.46
C LEU A 129 -19.91 -9.13 -30.45
N GLY A 130 -18.87 -9.74 -29.88
CA GLY A 130 -19.03 -10.77 -28.88
C GLY A 130 -18.61 -10.35 -27.49
N TYR A 131 -19.46 -10.67 -26.53
CA TYR A 131 -19.27 -10.36 -25.13
C TYR A 131 -18.90 -11.59 -24.35
N SER A 132 -17.76 -11.53 -23.60
CA SER A 132 -17.30 -12.58 -22.71
C SER A 132 -17.07 -13.89 -23.47
N LEU A 133 -18.00 -14.88 -23.34
CA LEU A 133 -17.95 -16.16 -24.07
C LEU A 133 -18.25 -15.95 -25.55
N GLY A 134 -19.07 -14.93 -25.83
CA GLY A 134 -19.48 -14.52 -27.17
C GLY A 134 -18.35 -14.02 -28.06
N ALA A 135 -17.28 -13.43 -27.45
CA ALA A 135 -16.09 -12.94 -28.17
C ALA A 135 -15.32 -14.15 -28.69
N HIS A 136 -15.26 -15.22 -27.90
CA HIS A 136 -14.62 -16.49 -28.25
C HIS A 136 -15.40 -17.19 -29.31
N ALA A 137 -16.74 -17.20 -29.19
CA ALA A 137 -17.60 -17.82 -30.20
C ALA A 137 -17.54 -16.98 -31.47
N ALA A 138 -17.42 -15.61 -31.37
CA ALA A 138 -17.27 -14.69 -32.53
C ALA A 138 -15.98 -15.02 -33.28
N GLY A 139 -14.90 -15.22 -32.52
CA GLY A 139 -13.60 -15.61 -33.05
C GLY A 139 -13.62 -16.97 -33.70
N ILE A 140 -14.28 -17.98 -33.05
CA ILE A 140 -14.43 -19.34 -33.64
C ILE A 140 -15.19 -19.24 -34.98
N ALA A 141 -16.32 -18.49 -34.99
CA ALA A 141 -17.10 -18.20 -36.19
C ALA A 141 -16.22 -17.60 -37.29
N GLY A 142 -15.47 -16.54 -36.97
CA GLY A 142 -14.58 -15.83 -37.90
C GLY A 142 -13.56 -16.72 -38.60
N SER A 143 -13.07 -17.74 -37.89
CA SER A 143 -12.10 -18.74 -38.36
C SER A 143 -12.72 -19.79 -39.31
N LEU A 144 -14.07 -19.86 -39.40
CA LEU A 144 -14.81 -20.85 -40.19
C LEU A 144 -15.61 -20.29 -41.36
N THR A 145 -15.49 -18.98 -41.58
CA THR A 145 -16.13 -18.32 -42.72
C THR A 145 -15.30 -18.65 -43.99
N ASN A 146 -15.99 -18.71 -45.15
CA ASN A 146 -15.39 -18.98 -46.46
C ASN A 146 -14.38 -17.87 -46.84
N LYS A 147 -14.70 -16.63 -46.42
CA LYS A 147 -13.89 -15.42 -46.56
C LYS A 147 -13.88 -14.75 -45.20
N LYS A 148 -12.81 -14.02 -44.85
CA LYS A 148 -12.69 -13.36 -43.55
C LYS A 148 -13.77 -12.31 -43.35
N VAL A 149 -14.24 -12.14 -42.09
CA VAL A 149 -15.18 -11.07 -41.79
C VAL A 149 -14.36 -9.79 -41.63
N ASN A 150 -14.98 -8.64 -41.83
CA ASN A 150 -14.27 -7.37 -41.71
C ASN A 150 -13.80 -7.09 -40.29
N ARG A 151 -14.70 -7.24 -39.30
CA ARG A 151 -14.36 -6.88 -37.92
C ARG A 151 -14.97 -7.81 -36.87
N ILE A 152 -14.28 -7.92 -35.74
CA ILE A 152 -14.71 -8.60 -34.53
C ILE A 152 -14.31 -7.66 -33.44
N THR A 153 -15.23 -7.38 -32.55
CA THR A 153 -14.97 -6.61 -31.36
C THR A 153 -15.20 -7.53 -30.20
N GLY A 154 -14.14 -7.79 -29.46
CA GLY A 154 -14.16 -8.58 -28.23
C GLY A 154 -14.39 -7.69 -27.05
N LEU A 155 -15.55 -7.82 -26.38
CA LEU A 155 -15.93 -7.02 -25.22
C LEU A 155 -15.69 -7.83 -23.98
N ASP A 156 -14.47 -7.61 -23.38
CA ASP A 156 -13.89 -8.33 -22.23
C ASP A 156 -14.09 -9.84 -22.39
N PRO A 157 -13.40 -10.49 -23.37
CA PRO A 157 -13.61 -11.92 -23.55
C PRO A 157 -13.34 -12.69 -22.27
N ALA A 158 -14.07 -13.81 -22.07
CA ALA A 158 -13.94 -14.69 -20.91
C ALA A 158 -12.48 -15.20 -20.78
N GLY A 159 -12.02 -15.32 -19.55
CA GLY A 159 -10.67 -15.79 -19.25
C GLY A 159 -10.51 -17.24 -18.83
N PRO A 160 -11.31 -17.77 -17.86
CA PRO A 160 -11.13 -19.18 -17.50
C PRO A 160 -11.44 -20.11 -18.66
N ASN A 161 -10.43 -20.94 -18.97
CA ASN A 161 -10.39 -21.96 -20.03
C ASN A 161 -9.94 -21.38 -21.35
N PHE A 162 -9.76 -20.04 -21.40
CA PHE A 162 -9.30 -19.39 -22.63
C PHE A 162 -7.94 -18.78 -22.48
N GLU A 163 -7.51 -18.55 -21.24
CA GLU A 163 -6.21 -17.96 -20.95
C GLU A 163 -5.05 -18.76 -21.55
N TYR A 164 -5.12 -20.11 -21.51
CA TYR A 164 -4.04 -20.94 -22.03
C TYR A 164 -4.46 -21.70 -23.29
N ALA A 165 -5.66 -21.36 -23.82
CA ALA A 165 -6.22 -21.93 -25.04
C ALA A 165 -5.45 -21.50 -26.27
N GLU A 166 -5.34 -22.42 -27.24
CA GLU A 166 -4.70 -22.17 -28.52
C GLU A 166 -5.64 -21.35 -29.39
N ALA A 167 -5.07 -20.55 -30.33
CA ALA A 167 -5.79 -19.68 -31.26
C ALA A 167 -7.08 -20.27 -31.87
N PRO A 168 -7.19 -21.58 -32.25
CA PRO A 168 -8.47 -22.05 -32.82
C PRO A 168 -9.61 -22.10 -31.83
N SER A 169 -9.30 -22.19 -30.53
CA SER A 169 -10.24 -22.36 -29.44
C SER A 169 -10.69 -21.05 -28.76
N ARG A 170 -10.27 -19.91 -29.29
CA ARG A 170 -10.54 -18.60 -28.70
C ARG A 170 -10.51 -17.54 -29.75
N LEU A 171 -10.72 -16.27 -29.34
CA LEU A 171 -10.55 -15.10 -30.21
C LEU A 171 -9.07 -14.95 -30.49
N SER A 172 -8.71 -14.74 -31.73
CA SER A 172 -7.33 -14.53 -32.17
C SER A 172 -7.32 -13.46 -33.27
N PRO A 173 -6.17 -12.77 -33.56
CA PRO A 173 -6.18 -11.75 -34.63
C PRO A 173 -6.45 -12.31 -36.03
N ASP A 174 -6.26 -13.62 -36.23
CA ASP A 174 -6.44 -14.33 -37.50
C ASP A 174 -7.92 -14.56 -37.87
N ASP A 175 -8.84 -14.31 -36.93
CA ASP A 175 -10.27 -14.60 -37.08
C ASP A 175 -11.04 -13.61 -37.95
N ALA A 176 -10.54 -12.38 -38.10
CA ALA A 176 -11.14 -11.33 -38.92
C ALA A 176 -10.02 -10.46 -39.49
N ASP A 177 -10.34 -9.59 -40.47
CA ASP A 177 -9.39 -8.67 -41.04
C ASP A 177 -8.93 -7.76 -39.93
N PHE A 178 -9.86 -7.35 -39.02
CA PHE A 178 -9.49 -6.55 -37.89
C PHE A 178 -10.22 -6.99 -36.61
N VAL A 179 -9.43 -7.37 -35.61
CA VAL A 179 -9.92 -7.75 -34.29
C VAL A 179 -9.54 -6.66 -33.26
N ASP A 180 -10.56 -6.01 -32.63
CA ASP A 180 -10.30 -5.05 -31.56
C ASP A 180 -10.90 -5.54 -30.22
N VAL A 181 -10.08 -5.51 -29.17
CA VAL A 181 -10.50 -6.04 -27.89
C VAL A 181 -10.45 -4.97 -26.79
N LEU A 182 -11.44 -5.00 -25.87
CA LEU A 182 -11.55 -4.14 -24.69
C LEU A 182 -11.46 -5.08 -23.49
N HIS A 183 -10.36 -5.03 -22.70
CA HIS A 183 -10.12 -5.84 -21.47
C HIS A 183 -10.46 -4.99 -20.25
N THR A 184 -11.53 -5.31 -19.49
CA THR A 184 -11.94 -4.45 -18.35
C THR A 184 -12.05 -5.19 -16.97
N PHE A 185 -11.82 -6.53 -16.92
CA PHE A 185 -11.89 -7.29 -15.65
C PHE A 185 -10.88 -8.40 -15.63
N THR A 186 -9.60 -8.06 -15.85
CA THR A 186 -8.45 -8.97 -15.83
C THR A 186 -7.94 -9.28 -14.39
N ARG A 187 -8.50 -8.63 -13.31
CA ARG A 187 -8.13 -8.86 -11.89
C ARG A 187 -8.19 -10.37 -11.56
N GLY A 188 -7.13 -10.85 -10.91
CA GLY A 188 -6.91 -12.25 -10.54
C GLY A 188 -5.62 -12.74 -11.18
N SER A 189 -5.23 -13.97 -10.90
CA SER A 189 -4.03 -14.56 -11.49
C SER A 189 -4.38 -15.14 -12.88
N PRO A 190 -3.38 -15.38 -13.79
CA PRO A 190 -3.74 -15.92 -15.12
C PRO A 190 -4.45 -17.27 -15.08
N GLY A 191 -5.59 -17.35 -15.75
CA GLY A 191 -6.46 -18.52 -15.80
C GLY A 191 -7.57 -18.44 -14.77
N ARG A 192 -7.46 -17.45 -13.84
CA ARG A 192 -8.43 -17.21 -12.75
C ARG A 192 -8.94 -15.76 -12.71
N SER A 193 -8.92 -15.07 -13.87
CA SER A 193 -9.42 -13.71 -14.05
C SER A 193 -10.67 -13.87 -14.85
N ILE A 194 -11.73 -13.11 -14.52
CA ILE A 194 -13.01 -13.15 -15.25
C ILE A 194 -12.79 -12.79 -16.76
N GLY A 195 -12.08 -11.70 -17.03
CA GLY A 195 -11.74 -11.27 -18.38
C GLY A 195 -10.40 -11.84 -18.79
N ILE A 196 -10.14 -11.96 -20.11
CA ILE A 196 -8.86 -12.44 -20.60
C ILE A 196 -7.76 -11.39 -20.38
N GLN A 197 -6.57 -11.84 -19.96
CA GLN A 197 -5.42 -10.99 -19.64
C GLN A 197 -4.54 -10.72 -20.84
N LYS A 198 -4.27 -11.76 -21.59
CA LYS A 198 -3.45 -11.85 -22.79
C LYS A 198 -4.08 -11.09 -23.96
N PRO A 199 -3.25 -10.34 -24.73
CA PRO A 199 -3.78 -9.67 -25.93
C PRO A 199 -4.24 -10.74 -26.95
N VAL A 200 -5.47 -10.59 -27.49
CA VAL A 200 -6.07 -11.55 -28.45
C VAL A 200 -6.50 -10.91 -29.79
N GLY A 201 -6.23 -9.61 -29.94
CA GLY A 201 -6.57 -8.86 -31.14
C GLY A 201 -5.39 -8.19 -31.80
N HIS A 202 -5.69 -7.24 -32.69
CA HIS A 202 -4.73 -6.38 -33.39
C HIS A 202 -4.52 -5.14 -32.54
N VAL A 203 -5.57 -4.72 -31.80
CA VAL A 203 -5.58 -3.61 -30.84
C VAL A 203 -6.31 -4.14 -29.63
N ASP A 204 -5.57 -4.23 -28.52
CA ASP A 204 -6.04 -4.66 -27.23
C ASP A 204 -5.97 -3.47 -26.30
N ILE A 205 -7.15 -2.94 -25.91
CA ILE A 205 -7.30 -1.75 -25.05
C ILE A 205 -7.64 -2.19 -23.62
N TYR A 206 -6.89 -1.62 -22.65
CA TYR A 206 -6.98 -1.92 -21.24
C TYR A 206 -7.40 -0.68 -20.45
N PRO A 207 -8.73 -0.34 -20.40
CA PRO A 207 -9.15 0.84 -19.63
C PRO A 207 -8.86 0.65 -18.14
N ASN A 208 -8.29 1.70 -17.49
CA ASN A 208 -7.85 1.79 -16.09
C ASN A 208 -6.99 0.59 -15.66
N GLY A 209 -6.03 0.21 -16.53
CA GLY A 209 -5.15 -0.94 -16.27
C GLY A 209 -5.70 -2.28 -16.71
N GLY A 210 -7.04 -2.34 -16.86
CA GLY A 210 -7.81 -3.48 -17.34
C GLY A 210 -8.22 -4.46 -16.26
N THR A 211 -7.62 -4.33 -15.08
CA THR A 211 -7.85 -5.22 -13.94
C THR A 211 -9.21 -5.05 -13.34
N PHE A 212 -9.64 -3.82 -13.18
CA PHE A 212 -10.90 -3.46 -12.54
C PHE A 212 -11.27 -2.06 -13.06
N GLN A 213 -12.57 -1.71 -13.00
CA GLN A 213 -13.07 -0.43 -13.50
C GLN A 213 -13.58 0.55 -12.44
N PRO A 214 -13.44 1.88 -12.68
CA PRO A 214 -13.95 2.86 -11.71
C PRO A 214 -15.47 2.83 -11.60
N GLY A 215 -15.97 2.91 -10.36
CA GLY A 215 -17.39 2.90 -10.07
C GLY A 215 -17.93 1.51 -9.82
N CYS A 216 -16.98 0.56 -9.66
CA CYS A 216 -17.28 -0.85 -9.48
C CYS A 216 -16.94 -1.42 -8.10
N ASN A 217 -16.31 -0.64 -7.20
CA ASN A 217 -16.09 -1.07 -5.81
C ASN A 217 -17.47 -1.06 -5.12
N ILE A 218 -17.76 -2.05 -4.24
CA ILE A 218 -19.06 -2.21 -3.57
C ILE A 218 -19.54 -0.89 -2.90
N GLY A 219 -20.74 -0.46 -3.29
CA GLY A 219 -21.35 0.78 -2.80
C GLY A 219 -21.62 1.78 -3.90
N VAL A 233 -29.35 -9.32 -11.58
CA VAL A 233 -28.88 -10.64 -11.18
C VAL A 233 -27.33 -10.69 -11.21
N ASP A 234 -26.71 -10.66 -10.02
CA ASP A 234 -25.25 -10.64 -9.83
C ASP A 234 -24.61 -9.44 -10.56
N GLN A 235 -25.35 -8.30 -10.58
CA GLN A 235 -24.98 -7.02 -11.22
C GLN A 235 -23.70 -6.43 -10.65
N LEU A 236 -23.51 -6.57 -9.32
CA LEU A 236 -22.36 -6.08 -8.58
C LEU A 236 -21.07 -6.78 -8.96
N VAL A 237 -21.13 -8.11 -9.07
CA VAL A 237 -19.95 -8.93 -9.40
C VAL A 237 -19.50 -8.77 -10.87
N LYS A 238 -20.38 -8.23 -11.73
CA LYS A 238 -20.11 -8.15 -13.16
C LYS A 238 -19.96 -6.76 -13.76
N CYS A 239 -20.12 -5.65 -12.98
CA CYS A 239 -20.05 -4.32 -13.61
C CYS A 239 -18.70 -4.04 -14.31
N SER A 240 -17.54 -4.48 -13.76
CA SER A 240 -16.23 -4.30 -14.41
C SER A 240 -16.15 -5.04 -15.72
N HIS A 241 -16.70 -6.26 -15.78
CA HIS A 241 -16.80 -7.12 -16.97
C HIS A 241 -17.66 -6.46 -18.07
N GLU A 242 -18.89 -6.09 -17.69
CA GLU A 242 -19.92 -5.47 -18.52
C GLU A 242 -19.60 -4.01 -18.94
N ARG A 243 -18.65 -3.34 -18.24
CA ARG A 243 -18.21 -2.00 -18.59
C ARG A 243 -17.69 -1.92 -20.01
N SER A 244 -17.11 -3.01 -20.55
CA SER A 244 -16.62 -3.10 -21.93
C SER A 244 -17.72 -2.78 -22.97
N ILE A 245 -18.96 -3.28 -22.75
CA ILE A 245 -20.10 -2.99 -23.61
C ILE A 245 -20.46 -1.51 -23.50
N HIS A 246 -20.55 -0.98 -22.26
CA HIS A 246 -20.92 0.42 -22.02
C HIS A 246 -19.87 1.39 -22.53
N LEU A 247 -18.57 1.01 -22.46
CA LEU A 247 -17.47 1.77 -23.06
C LEU A 247 -17.66 1.84 -24.57
N PHE A 248 -18.01 0.69 -25.21
CA PHE A 248 -18.34 0.59 -26.65
C PHE A 248 -19.59 1.35 -27.05
N ILE A 249 -20.68 1.31 -26.24
CA ILE A 249 -21.96 2.03 -26.45
C ILE A 249 -21.67 3.52 -26.49
N ASP A 250 -20.87 3.99 -25.53
CA ASP A 250 -20.46 5.38 -25.39
C ASP A 250 -19.72 5.85 -26.63
N SER A 251 -18.91 4.97 -27.26
CA SER A 251 -18.17 5.30 -28.47
C SER A 251 -19.11 5.41 -29.67
N LEU A 252 -20.22 4.65 -29.64
CA LEU A 252 -21.27 4.68 -30.68
C LEU A 252 -22.06 5.97 -30.59
N LEU A 253 -22.27 6.47 -29.37
CA LEU A 253 -23.05 7.67 -29.07
C LEU A 253 -22.28 9.02 -29.15
N ASN A 254 -20.95 8.96 -29.30
CA ASN A 254 -20.09 10.13 -29.35
C ASN A 254 -19.02 9.93 -30.43
N GLU A 255 -19.46 9.93 -31.69
CA GLU A 255 -18.57 9.80 -32.86
C GLU A 255 -17.62 10.99 -33.02
N GLU A 256 -18.10 12.18 -32.60
CA GLU A 256 -17.41 13.46 -32.65
C GLU A 256 -16.27 13.49 -31.62
N ASN A 257 -16.51 13.03 -30.37
CA ASN A 257 -15.47 13.03 -29.34
C ASN A 257 -15.07 11.61 -28.82
N PRO A 258 -14.27 10.84 -29.63
CA PRO A 258 -13.79 9.53 -29.15
C PRO A 258 -12.84 9.64 -27.96
N SER A 259 -12.73 8.56 -27.18
CA SER A 259 -11.86 8.39 -26.03
C SER A 259 -10.54 7.83 -26.59
N LYS A 260 -9.39 8.48 -26.26
CA LYS A 260 -8.08 8.10 -26.80
C LYS A 260 -7.43 7.01 -25.96
N ALA A 261 -6.89 5.99 -26.61
CA ALA A 261 -6.11 4.95 -25.94
C ALA A 261 -4.64 5.13 -26.38
N TYR A 262 -3.69 4.83 -25.47
CA TYR A 262 -2.24 5.00 -25.69
C TYR A 262 -1.45 3.73 -25.45
N ARG A 263 -0.73 3.31 -26.49
CA ARG A 263 0.21 2.17 -26.53
C ARG A 263 1.30 2.44 -25.52
N CYS A 264 1.55 1.44 -24.64
CA CYS A 264 2.52 1.53 -23.58
C CYS A 264 3.13 0.15 -23.27
N SER A 265 4.41 0.17 -22.81
CA SER A 265 5.19 -0.98 -22.39
C SER A 265 4.52 -1.76 -21.23
N SER A 266 3.81 -1.05 -20.32
CA SER A 266 3.08 -1.62 -19.18
C SER A 266 2.07 -0.63 -18.61
N LYS A 267 1.15 -1.09 -17.75
CA LYS A 267 0.15 -0.25 -17.10
C LYS A 267 0.80 0.68 -16.07
N GLU A 268 1.97 0.25 -15.51
CA GLU A 268 2.80 0.99 -14.55
C GLU A 268 3.47 2.20 -15.19
N ALA A 269 4.04 2.03 -16.41
CA ALA A 269 4.69 3.10 -17.15
C ALA A 269 3.65 4.13 -17.62
N PHE A 270 2.42 3.67 -17.94
CA PHE A 270 1.33 4.56 -18.32
C PHE A 270 0.83 5.43 -17.12
N GLU A 271 0.96 4.90 -15.87
CA GLU A 271 0.56 5.56 -14.63
C GLU A 271 1.49 6.70 -14.23
N LYS A 272 2.73 6.69 -14.80
CA LYS A 272 3.78 7.70 -14.61
C LYS A 272 3.70 8.82 -15.69
N GLY A 273 2.72 8.71 -16.58
CA GLY A 273 2.52 9.62 -17.69
C GLY A 273 3.52 9.46 -18.82
N LEU A 274 4.24 8.32 -18.84
CA LEU A 274 5.29 8.05 -19.84
C LEU A 274 4.78 7.76 -21.26
N CYS A 275 3.52 7.29 -21.40
CA CYS A 275 2.92 6.92 -22.70
C CYS A 275 1.71 7.77 -23.07
N LEU A 276 1.95 8.96 -23.69
CA LEU A 276 0.89 9.86 -24.15
C LEU A 276 1.13 10.35 -25.59
N SER A 277 1.86 9.52 -26.40
CA SER A 277 2.24 9.76 -27.79
C SER A 277 1.22 9.23 -28.77
N CYS A 278 1.06 9.91 -29.93
CA CYS A 278 0.18 9.62 -31.07
C CYS A 278 0.98 9.33 -32.35
N ARG A 279 2.32 9.27 -32.27
CA ARG A 279 3.21 9.02 -33.42
C ARG A 279 3.04 7.59 -33.93
N LYS A 280 2.69 7.43 -35.21
CA LYS A 280 2.46 6.15 -35.92
C LYS A 280 1.71 5.08 -35.04
N ASN A 281 0.41 5.32 -34.87
CA ASN A 281 -0.56 4.47 -34.17
C ASN A 281 -0.20 4.07 -32.72
N ARG A 282 0.54 4.96 -32.02
CA ARG A 282 0.87 4.81 -30.59
C ARG A 282 -0.35 5.27 -29.76
N CYS A 283 -1.30 5.97 -30.43
CA CYS A 283 -2.59 6.32 -29.86
C CYS A 283 -3.67 5.89 -30.86
N ASN A 284 -4.85 5.53 -30.36
CA ASN A 284 -5.95 5.10 -31.19
C ASN A 284 -7.27 5.42 -30.52
N ASN A 285 -8.37 5.30 -31.26
CA ASN A 285 -9.70 5.59 -30.69
C ASN A 285 -10.23 4.35 -30.01
N LEU A 286 -10.74 4.46 -28.77
CA LEU A 286 -11.39 3.31 -28.18
C LEU A 286 -12.80 3.21 -28.87
N GLY A 287 -13.20 2.00 -29.23
CA GLY A 287 -14.50 1.74 -29.82
C GLY A 287 -14.67 1.71 -31.33
N TYR A 288 -15.85 2.13 -31.75
CA TYR A 288 -16.34 2.06 -33.11
C TYR A 288 -15.49 2.84 -34.13
N GLU A 289 -14.96 4.01 -33.74
CA GLU A 289 -14.16 4.91 -34.59
C GLU A 289 -12.64 4.58 -34.62
N ILE A 290 -12.28 3.38 -34.13
CA ILE A 290 -10.90 2.88 -34.09
C ILE A 290 -10.29 2.89 -35.50
N ASN A 291 -9.00 3.26 -35.62
CA ASN A 291 -8.33 3.20 -36.93
C ASN A 291 -7.89 1.75 -37.09
N LYS A 292 -8.43 1.06 -38.10
CA LYS A 292 -8.19 -0.37 -38.37
C LYS A 292 -6.76 -0.67 -38.83
N VAL A 293 -5.81 -0.48 -37.90
CA VAL A 293 -4.37 -0.66 -38.06
C VAL A 293 -3.96 -2.06 -37.56
N ARG A 294 -3.47 -2.88 -38.50
CA ARG A 294 -2.97 -4.23 -38.20
C ARG A 294 -1.46 -4.04 -37.99
N ALA A 295 -0.88 -4.77 -37.02
CA ALA A 295 0.57 -4.68 -36.70
C ALA A 295 1.17 -6.08 -36.56
N LYS A 296 2.53 -6.21 -36.61
CA LYS A 296 3.23 -7.50 -36.46
C LYS A 296 2.94 -8.11 -35.08
N ARG A 297 3.23 -7.34 -34.00
CA ARG A 297 2.91 -7.71 -32.61
C ARG A 297 1.73 -6.88 -32.17
N SER A 298 0.90 -7.37 -31.20
CA SER A 298 -0.26 -6.57 -30.78
C SER A 298 0.13 -5.39 -29.92
N SER A 299 -0.52 -4.26 -30.18
CA SER A 299 -0.33 -3.06 -29.39
C SER A 299 -1.33 -3.07 -28.23
N LYS A 300 -0.80 -3.31 -27.02
CA LYS A 300 -1.48 -3.26 -25.75
C LYS A 300 -1.60 -1.76 -25.46
N MET A 301 -2.83 -1.29 -25.26
CA MET A 301 -3.09 0.14 -25.05
C MET A 301 -3.78 0.44 -23.78
N TYR A 302 -3.58 1.65 -23.26
CA TYR A 302 -4.12 2.08 -21.96
C TYR A 302 -4.79 3.43 -22.03
N LEU A 303 -5.63 3.71 -21.02
CA LEU A 303 -6.38 4.95 -20.83
C LEU A 303 -7.07 4.90 -19.50
N LYS A 304 -7.47 6.07 -18.99
CA LYS A 304 -8.23 6.23 -17.76
C LYS A 304 -9.62 6.59 -18.21
N THR A 305 -10.61 6.39 -17.36
CA THR A 305 -11.98 6.77 -17.73
C THR A 305 -12.69 7.27 -16.51
N ARG A 306 -13.85 7.86 -16.72
CA ARG A 306 -14.77 8.24 -15.68
C ARG A 306 -15.47 6.94 -15.16
N SER A 307 -16.33 7.08 -14.14
CA SER A 307 -17.12 6.01 -13.53
C SER A 307 -18.48 5.84 -14.25
N GLN A 308 -18.92 6.88 -15.00
CA GLN A 308 -20.21 6.96 -15.70
C GLN A 308 -20.07 7.47 -17.15
N MET A 309 -21.11 7.24 -17.98
CA MET A 309 -21.22 7.66 -19.37
C MET A 309 -21.59 9.17 -19.40
N PRO A 310 -20.88 10.10 -20.09
CA PRO A 310 -19.71 9.95 -21.01
C PRO A 310 -18.38 9.62 -20.31
N TYR A 311 -17.77 8.49 -20.67
CA TYR A 311 -16.56 7.98 -20.01
C TYR A 311 -15.24 8.76 -20.26
N LYS A 312 -15.15 9.58 -21.31
CA LYS A 312 -13.95 10.35 -21.71
C LYS A 312 -13.29 11.21 -20.62
N VAL A 313 -11.96 11.14 -20.59
CA VAL A 313 -11.10 11.96 -19.74
C VAL A 313 -10.00 12.59 -20.61
N PHE A 314 -9.26 13.52 -20.00
CA PHE A 314 -8.12 14.20 -20.58
C PHE A 314 -6.91 13.77 -19.77
N HIS A 315 -5.86 13.32 -20.45
CA HIS A 315 -4.65 12.83 -19.84
C HIS A 315 -3.53 13.82 -20.01
N TYR A 316 -2.81 14.05 -18.93
CA TYR A 316 -1.67 14.92 -18.84
C TYR A 316 -0.52 14.26 -18.10
N GLN A 317 0.70 14.48 -18.59
CA GLN A 317 1.92 14.07 -17.93
C GLN A 317 2.44 15.36 -17.32
N VAL A 318 2.80 15.34 -16.03
CA VAL A 318 3.31 16.50 -15.34
C VAL A 318 4.74 16.17 -14.86
N LYS A 319 5.73 17.04 -15.23
CA LYS A 319 7.15 16.91 -14.85
C LYS A 319 7.53 18.10 -14.00
N ILE A 320 7.99 17.86 -12.78
CA ILE A 320 8.38 18.93 -11.86
C ILE A 320 9.79 18.68 -11.34
N HIS A 321 10.67 19.69 -11.45
CA HIS A 321 12.02 19.64 -10.88
C HIS A 321 11.91 20.42 -9.58
N PHE A 322 12.28 19.80 -8.45
CA PHE A 322 12.19 20.37 -7.09
C PHE A 322 13.57 20.81 -6.63
N SER A 323 13.79 22.13 -6.53
CA SER A 323 15.10 22.68 -6.19
C SER A 323 15.20 23.23 -4.78
N GLY A 324 16.23 22.82 -4.04
CA GLY A 324 16.45 23.28 -2.68
C GLY A 324 17.89 23.66 -2.39
N THR A 325 18.12 24.25 -1.21
CA THR A 325 19.47 24.63 -0.77
C THR A 325 20.17 23.42 -0.14
N GLU A 326 19.53 22.84 0.89
CA GLU A 326 20.04 21.70 1.63
C GLU A 326 19.39 20.39 1.20
N SER A 327 20.16 19.29 1.29
CA SER A 327 19.77 17.94 0.90
C SER A 327 18.68 17.38 1.82
N GLU A 328 17.41 17.49 1.36
CA GLU A 328 16.21 17.01 2.06
C GLU A 328 15.53 15.89 1.27
N THR A 329 14.96 14.91 1.97
CA THR A 329 14.19 13.80 1.39
C THR A 329 12.92 13.63 2.22
N HIS A 330 11.76 13.61 1.55
CA HIS A 330 10.44 13.45 2.19
C HIS A 330 9.64 12.35 1.47
N THR A 331 9.16 11.35 2.23
CA THR A 331 8.40 10.20 1.68
C THR A 331 6.90 10.31 1.85
N ASN A 332 6.16 9.68 0.92
CA ASN A 332 4.70 9.64 0.89
C ASN A 332 4.07 11.02 1.14
N GLN A 333 4.36 11.98 0.22
CA GLN A 333 3.91 13.37 0.29
C GLN A 333 2.70 13.60 -0.61
N ALA A 334 1.67 14.24 -0.06
CA ALA A 334 0.41 14.53 -0.76
C ALA A 334 0.39 15.94 -1.31
N PHE A 335 -0.06 16.06 -2.55
CA PHE A 335 -0.18 17.33 -3.26
C PHE A 335 -1.53 17.48 -3.91
N GLU A 336 -1.81 18.69 -4.40
CA GLU A 336 -3.01 19.02 -5.16
C GLU A 336 -2.58 19.87 -6.33
N ILE A 337 -3.13 19.58 -7.51
CA ILE A 337 -2.86 20.32 -8.74
C ILE A 337 -4.15 20.87 -9.31
N SER A 338 -4.12 22.16 -9.65
CA SER A 338 -5.24 22.86 -10.27
C SER A 338 -4.80 23.30 -11.63
N LEU A 339 -5.63 23.00 -12.61
CA LEU A 339 -5.39 23.32 -14.02
C LEU A 339 -6.46 24.30 -14.48
N TYR A 340 -6.05 25.37 -15.16
CA TYR A 340 -6.98 26.39 -15.66
C TYR A 340 -6.78 26.61 -17.14
N GLY A 341 -7.86 26.55 -17.92
CA GLY A 341 -7.80 26.74 -19.36
C GLY A 341 -8.68 27.86 -19.89
N THR A 342 -8.79 27.96 -21.24
CA THR A 342 -9.63 28.96 -21.95
C THR A 342 -11.10 28.62 -21.85
N VAL A 343 -11.44 27.30 -21.85
CA VAL A 343 -12.81 26.79 -21.75
C VAL A 343 -13.26 26.72 -20.28
N ALA A 344 -12.53 25.94 -19.46
CA ALA A 344 -12.88 25.73 -18.05
C ALA A 344 -11.64 25.46 -17.22
N GLU A 345 -11.83 25.00 -15.99
CA GLU A 345 -10.80 24.66 -15.03
C GLU A 345 -11.13 23.35 -14.29
N SER A 346 -10.13 22.76 -13.62
CA SER A 346 -10.23 21.54 -12.85
C SER A 346 -9.26 21.73 -11.69
N GLU A 347 -9.82 21.98 -10.51
CA GLU A 347 -9.11 22.29 -9.29
C GLU A 347 -8.95 21.12 -8.34
N ASN A 348 -7.96 21.24 -7.42
CA ASN A 348 -7.63 20.34 -6.32
C ASN A 348 -7.51 18.85 -6.70
N ILE A 349 -6.93 18.58 -7.89
CA ILE A 349 -6.68 17.21 -8.36
C ILE A 349 -5.57 16.61 -7.48
N PRO A 350 -5.88 15.61 -6.62
CA PRO A 350 -4.84 15.08 -5.75
C PRO A 350 -3.93 14.06 -6.42
N PHE A 351 -2.70 13.96 -5.85
CA PHE A 351 -1.65 13.03 -6.23
C PHE A 351 -0.64 13.02 -5.11
N THR A 352 -0.12 11.84 -4.80
CA THR A 352 0.90 11.70 -3.78
C THR A 352 2.15 11.19 -4.47
N LEU A 353 3.32 11.57 -3.94
CA LEU A 353 4.60 11.14 -4.50
C LEU A 353 5.34 10.28 -3.46
N PRO A 354 5.86 9.09 -3.89
CA PRO A 354 6.55 8.21 -2.93
C PRO A 354 7.78 8.84 -2.29
N GLU A 355 8.61 9.57 -3.08
CA GLU A 355 9.81 10.28 -2.60
C GLU A 355 9.91 11.64 -3.25
N VAL A 356 10.20 12.68 -2.45
CA VAL A 356 10.41 14.04 -2.95
C VAL A 356 11.78 14.55 -2.44
N SER A 357 12.80 14.50 -3.31
CA SER A 357 14.18 14.88 -3.00
C SER A 357 14.59 16.20 -3.63
N THR A 358 15.65 16.79 -3.07
CA THR A 358 16.29 18.02 -3.50
C THR A 358 17.02 17.78 -4.81
N ASN A 359 16.79 18.68 -5.79
CA ASN A 359 17.40 18.74 -7.13
C ASN A 359 17.09 17.47 -7.97
N LYS A 360 15.90 16.92 -7.75
CA LYS A 360 15.37 15.75 -8.43
C LYS A 360 14.04 16.08 -9.11
N THR A 361 13.85 15.51 -10.31
CA THR A 361 12.67 15.66 -11.15
C THR A 361 11.70 14.46 -11.00
N TYR A 362 10.39 14.76 -10.99
CA TYR A 362 9.37 13.72 -10.92
C TYR A 362 8.34 13.88 -12.03
N SER A 363 8.01 12.75 -12.67
CA SER A 363 6.98 12.67 -13.72
C SER A 363 5.78 11.91 -13.19
N PHE A 364 4.58 12.24 -13.66
CA PHE A 364 3.31 11.59 -13.22
C PHE A 364 2.11 11.90 -14.10
N LEU A 365 1.17 10.96 -14.18
CA LEU A 365 -0.05 11.16 -14.97
C LEU A 365 -1.16 11.75 -14.13
N ILE A 366 -1.83 12.77 -14.68
CA ILE A 366 -2.98 13.45 -14.13
C ILE A 366 -4.08 13.36 -15.21
N TYR A 367 -5.30 13.05 -14.80
CA TYR A 367 -6.39 12.96 -15.74
C TYR A 367 -7.62 13.73 -15.22
N THR A 368 -8.52 14.11 -16.12
CA THR A 368 -9.71 14.86 -15.73
C THR A 368 -10.88 14.68 -16.72
N GLU A 369 -12.11 14.68 -16.17
CA GLU A 369 -13.38 14.63 -16.91
C GLU A 369 -13.69 16.01 -17.54
N VAL A 370 -13.07 17.07 -16.99
CA VAL A 370 -13.25 18.44 -17.45
C VAL A 370 -12.42 18.77 -18.70
N ASP A 371 -13.09 19.33 -19.74
CA ASP A 371 -12.48 19.85 -20.95
C ASP A 371 -12.12 21.31 -20.58
N ILE A 372 -10.86 21.52 -20.14
CA ILE A 372 -10.39 22.81 -19.69
C ILE A 372 -10.04 23.70 -20.88
N GLY A 373 -9.77 23.08 -22.00
CA GLY A 373 -9.38 23.73 -23.24
C GLY A 373 -7.87 23.83 -23.34
N GLU A 374 -7.39 25.01 -23.77
CA GLU A 374 -5.97 25.28 -23.87
C GLU A 374 -5.58 25.82 -22.52
N LEU A 375 -4.56 25.19 -21.93
CA LEU A 375 -4.02 25.49 -20.61
C LEU A 375 -3.51 26.93 -20.53
N LEU A 376 -3.68 27.60 -19.38
CA LEU A 376 -3.19 28.97 -19.17
C LEU A 376 -2.42 29.03 -17.86
N MET A 377 -3.00 28.46 -16.79
CA MET A 377 -2.47 28.51 -15.45
C MET A 377 -2.52 27.16 -14.74
N LEU A 378 -1.50 26.93 -13.90
CA LEU A 378 -1.31 25.73 -13.09
C LEU A 378 -0.98 26.16 -11.67
N LYS A 379 -1.73 25.64 -10.69
CA LYS A 379 -1.55 25.90 -9.26
C LYS A 379 -1.19 24.58 -8.61
N LEU A 380 -0.15 24.58 -7.77
CA LEU A 380 0.32 23.38 -7.11
C LEU A 380 0.41 23.61 -5.63
N LYS A 381 -0.28 22.75 -4.84
CA LYS A 381 -0.33 22.83 -3.37
C LYS A 381 0.35 21.65 -2.72
N TRP A 382 1.20 21.91 -1.72
CA TRP A 382 1.84 20.83 -0.96
C TRP A 382 1.03 20.69 0.35
N LYS A 383 0.28 19.58 0.47
CA LYS A 383 -0.57 19.29 1.62
C LYS A 383 0.20 18.76 2.84
N SER A 384 -0.37 18.97 4.04
CA SER A 384 0.21 18.58 5.34
C SER A 384 0.10 17.09 5.64
N ASP A 392 5.08 25.53 16.75
CA ASP A 392 5.68 24.57 15.83
C ASP A 392 7.06 24.11 16.31
N TRP A 393 7.29 22.78 16.23
CA TRP A 393 8.55 22.15 16.63
C TRP A 393 9.60 22.23 15.51
N TRP A 394 9.13 22.27 14.26
CA TRP A 394 10.00 22.36 13.08
C TRP A 394 9.45 23.33 12.07
N SER A 395 10.36 23.97 11.30
CA SER A 395 10.01 24.88 10.21
C SER A 395 9.56 24.04 9.02
N SER A 396 8.40 24.41 8.43
CA SER A 396 7.76 23.76 7.29
C SER A 396 8.75 23.52 6.11
N PRO A 397 8.90 22.28 5.58
CA PRO A 397 9.85 22.07 4.47
C PRO A 397 9.42 22.78 3.19
N GLY A 398 10.37 23.06 2.31
CA GLY A 398 10.05 23.71 1.05
C GLY A 398 11.02 23.49 -0.10
N PHE A 399 10.47 23.59 -1.33
CA PHE A 399 11.21 23.48 -2.59
C PHE A 399 10.90 24.64 -3.49
N ALA A 400 11.94 25.18 -4.11
CA ALA A 400 11.86 26.26 -5.08
C ALA A 400 11.58 25.61 -6.45
N ILE A 401 10.51 26.08 -7.14
CA ILE A 401 10.13 25.61 -8.45
C ILE A 401 10.04 26.77 -9.42
N GLN A 402 10.86 26.69 -10.48
CA GLN A 402 10.90 27.68 -11.55
C GLN A 402 9.89 27.27 -12.60
N LYS A 403 10.01 26.04 -13.19
CA LYS A 403 9.16 25.50 -14.28
C LYS A 403 8.45 24.18 -14.01
N ILE A 404 7.34 23.96 -14.71
CA ILE A 404 6.54 22.75 -14.76
C ILE A 404 6.27 22.55 -16.25
N ARG A 405 6.68 21.38 -16.81
CA ARG A 405 6.40 20.96 -18.17
C ARG A 405 5.14 20.07 -18.09
N VAL A 406 4.22 20.19 -19.06
CA VAL A 406 3.00 19.40 -19.16
C VAL A 406 2.90 18.90 -20.57
N LYS A 407 2.56 17.61 -20.77
CA LYS A 407 2.28 17.05 -22.08
C LYS A 407 0.81 16.67 -22.09
N ALA A 408 0.03 17.18 -23.05
CA ALA A 408 -1.41 16.87 -23.15
C ALA A 408 -1.58 15.85 -24.23
N GLY A 409 -2.10 14.67 -23.88
CA GLY A 409 -2.27 13.56 -24.81
C GLY A 409 -3.29 13.77 -25.91
N GLU A 410 -4.46 14.33 -25.57
CA GLU A 410 -5.55 14.50 -26.51
C GLU A 410 -5.27 15.52 -27.60
N THR A 411 -4.67 16.65 -27.20
CA THR A 411 -4.30 17.75 -28.10
C THR A 411 -2.91 17.57 -28.70
N GLN A 412 -2.06 16.72 -28.09
CA GLN A 412 -0.68 16.47 -28.54
C GLN A 412 0.16 17.75 -28.44
N LYS A 413 0.09 18.39 -27.27
CA LYS A 413 0.80 19.64 -27.02
C LYS A 413 1.70 19.58 -25.80
N LYS A 414 2.96 19.99 -25.99
CA LYS A 414 3.98 20.10 -24.96
C LYS A 414 3.89 21.55 -24.53
N VAL A 415 3.47 21.76 -23.28
CA VAL A 415 3.25 23.07 -22.68
C VAL A 415 4.24 23.26 -21.54
N ILE A 416 4.81 24.48 -21.42
CA ILE A 416 5.70 24.87 -20.34
C ILE A 416 5.02 25.95 -19.52
N PHE A 417 5.12 25.83 -18.21
CA PHE A 417 4.58 26.81 -17.28
C PHE A 417 5.73 27.34 -16.50
N CYS A 418 5.84 28.64 -16.40
CA CYS A 418 6.91 29.07 -15.53
C CYS A 418 6.40 30.03 -14.48
N SER A 419 7.07 30.03 -13.36
CA SER A 419 6.81 30.81 -12.17
C SER A 419 6.52 32.26 -12.53
N ARG A 420 5.56 32.88 -11.80
CA ARG A 420 5.23 34.29 -12.01
C ARG A 420 6.43 35.15 -11.68
N GLU A 421 7.10 34.92 -10.51
CA GLU A 421 8.31 35.62 -10.07
C GLU A 421 9.54 34.81 -10.58
N LYS A 422 10.72 34.88 -9.94
CA LYS A 422 11.89 34.19 -10.51
C LYS A 422 11.74 32.69 -10.27
N VAL A 423 11.25 32.34 -9.07
CA VAL A 423 10.97 30.99 -8.61
C VAL A 423 9.69 31.08 -7.80
N SER A 424 8.90 29.99 -7.77
CA SER A 424 7.68 29.82 -6.98
C SER A 424 8.04 28.90 -5.82
N HIS A 425 8.00 29.40 -4.57
CA HIS A 425 8.31 28.63 -3.37
C HIS A 425 7.15 27.74 -2.99
N LEU A 426 7.41 26.42 -2.92
CA LEU A 426 6.40 25.40 -2.57
C LEU A 426 6.69 24.93 -1.15
N GLN A 427 5.92 25.42 -0.19
CA GLN A 427 6.09 25.10 1.21
C GLN A 427 4.94 24.25 1.74
N LYS A 428 5.27 23.17 2.49
CA LYS A 428 4.30 22.22 3.06
C LYS A 428 3.23 22.94 3.92
N GLY A 429 1.95 22.66 3.63
CA GLY A 429 0.81 23.25 4.32
C GLY A 429 0.55 24.72 4.05
N LYS A 430 1.43 25.38 3.27
CA LYS A 430 1.33 26.81 2.95
C LYS A 430 0.59 27.06 1.64
N ALA A 431 0.68 28.32 1.15
CA ALA A 431 0.07 28.84 -0.05
C ALA A 431 0.49 28.03 -1.28
N PRO A 432 -0.39 27.83 -2.31
CA PRO A 432 0.06 27.10 -3.50
C PRO A 432 0.98 27.95 -4.39
N ALA A 433 1.85 27.26 -5.14
CA ALA A 433 2.71 27.85 -6.14
C ALA A 433 1.85 28.05 -7.40
N VAL A 434 1.96 29.22 -8.01
CA VAL A 434 1.22 29.61 -9.22
C VAL A 434 2.22 29.67 -10.38
N PHE A 435 1.83 29.04 -11.51
CA PHE A 435 2.60 28.97 -12.73
C PHE A 435 1.70 29.35 -13.91
N VAL A 436 2.22 30.14 -14.84
CA VAL A 436 1.49 30.57 -16.02
C VAL A 436 2.23 30.03 -17.28
N LYS A 437 1.49 29.83 -18.38
CA LYS A 437 1.99 29.29 -19.64
C LYS A 437 3.04 30.22 -20.27
N CYS A 438 4.23 29.68 -20.59
CA CYS A 438 5.29 30.47 -21.19
C CYS A 438 5.77 29.94 -22.51
N HIS A 439 5.25 28.76 -22.92
CA HIS A 439 5.58 28.15 -24.21
C HIS A 439 4.60 27.00 -24.54
N ASP A 440 4.31 26.82 -25.83
CA ASP A 440 3.48 25.79 -26.47
C ASP A 440 4.16 25.27 -27.71
N LYS A 441 4.04 23.97 -27.92
CA LYS A 441 4.59 23.25 -29.06
C LYS A 441 3.60 22.16 -29.44
N SER A 442 3.36 21.96 -30.75
CA SER A 442 2.49 20.94 -31.32
C SER A 442 3.35 19.79 -31.78
N LEU A 443 2.93 18.57 -31.44
CA LEU A 443 3.67 17.35 -31.74
C LEU A 443 3.11 16.60 -32.95
N ASN A 444 1.76 16.70 -33.17
CA ASN A 444 0.99 16.10 -34.27
C ASN A 444 0.97 14.59 -34.18
N GLN B 3 25.45 28.00 52.83
CA GLN B 3 25.96 27.85 51.47
C GLN B 3 24.97 28.33 50.39
N ARG B 4 23.70 28.59 50.77
CA ARG B 4 22.59 29.01 49.90
C ARG B 4 22.98 30.05 48.81
N ARG B 5 23.94 30.94 49.12
CA ARG B 5 24.48 31.98 48.22
C ARG B 5 25.05 31.38 46.93
N ASP B 6 25.80 30.27 47.06
CA ASP B 6 26.45 29.51 46.00
C ASP B 6 25.49 28.82 45.00
N PHE B 7 24.21 28.62 45.38
CA PHE B 7 23.22 27.93 44.52
C PHE B 7 21.97 28.76 44.23
N ILE B 8 22.02 30.05 44.55
CA ILE B 8 20.91 30.99 44.42
C ILE B 8 20.50 31.22 42.93
N ASP B 9 21.44 31.04 41.98
CA ASP B 9 21.14 31.22 40.55
C ASP B 9 20.33 30.07 39.92
N ILE B 10 20.20 28.92 40.61
CA ILE B 10 19.48 27.74 40.14
C ILE B 10 17.96 27.98 40.12
N GLU B 11 17.37 27.88 38.92
CA GLU B 11 15.93 28.06 38.70
C GLU B 11 15.14 26.74 38.84
N SER B 12 15.77 25.58 38.52
CA SER B 12 15.10 24.27 38.64
C SER B 12 14.84 23.91 40.11
N LYS B 13 13.67 23.31 40.41
CA LYS B 13 13.31 22.93 41.78
C LYS B 13 13.29 21.41 41.88
N PHE B 14 13.66 20.88 43.06
CA PHE B 14 13.82 19.45 43.29
C PHE B 14 12.90 19.00 44.40
N ALA B 15 11.71 18.49 44.04
CA ALA B 15 10.73 18.05 45.02
C ALA B 15 10.85 16.57 45.36
N LEU B 16 11.10 16.27 46.62
CA LEU B 16 11.19 14.89 47.02
C LEU B 16 9.81 14.33 47.38
N ARG B 17 9.15 13.63 46.40
CA ARG B 17 7.84 13.04 46.62
C ARG B 17 7.97 11.76 47.44
N THR B 18 6.84 11.24 47.97
CA THR B 18 6.79 10.06 48.83
C THR B 18 5.76 9.04 48.28
N PRO B 19 5.76 7.76 48.71
CA PRO B 19 4.73 6.81 48.22
C PRO B 19 3.29 7.20 48.54
N GLU B 20 3.09 7.90 49.64
CA GLU B 20 1.75 8.32 50.09
C GLU B 20 1.32 9.64 49.44
N ASP B 21 2.27 10.45 48.97
CA ASP B 21 2.01 11.74 48.33
C ASP B 21 2.83 11.89 47.04
N THR B 22 2.28 11.37 45.95
CA THR B 22 2.92 11.29 44.63
C THR B 22 2.50 12.36 43.61
N ALA B 23 1.42 13.15 43.89
CA ALA B 23 0.90 14.11 42.91
C ALA B 23 1.41 15.52 43.05
N GLU B 24 1.76 15.93 44.27
CA GLU B 24 2.20 17.31 44.54
C GLU B 24 3.64 17.42 44.91
N ASP B 25 4.24 18.57 44.58
CA ASP B 25 5.63 18.97 44.90
C ASP B 25 5.66 19.59 46.32
N THR B 26 5.31 18.80 47.33
CA THR B 26 5.16 19.17 48.75
C THR B 26 6.45 19.62 49.39
N CYS B 27 7.49 18.78 49.31
CA CYS B 27 8.74 19.04 49.98
C CYS B 27 9.88 19.24 49.01
N HIS B 28 10.62 20.36 49.14
CA HIS B 28 11.74 20.62 48.25
C HIS B 28 13.11 20.41 48.85
N LEU B 29 13.98 19.77 48.08
CA LEU B 29 15.38 19.57 48.41
C LEU B 29 16.00 20.82 47.79
N ILE B 30 16.37 21.80 48.62
CA ILE B 30 16.91 23.09 48.17
C ILE B 30 18.46 23.02 48.16
N PRO B 31 19.11 23.17 46.98
CA PRO B 31 20.60 23.16 46.96
C PRO B 31 21.24 24.21 47.89
N GLY B 32 22.28 23.79 48.61
CA GLY B 32 23.00 24.60 49.58
C GLY B 32 22.46 24.61 51.00
N VAL B 33 21.24 24.05 51.20
CA VAL B 33 20.56 23.98 52.48
C VAL B 33 20.43 22.48 52.85
N ALA B 34 21.49 21.93 53.48
CA ALA B 34 21.60 20.55 53.94
C ALA B 34 20.43 20.13 54.83
N GLU B 35 19.84 21.10 55.57
CA GLU B 35 18.72 20.91 56.49
C GLU B 35 17.44 20.49 55.76
N SER B 36 17.26 20.94 54.51
CA SER B 36 16.08 20.60 53.69
C SER B 36 16.01 19.08 53.36
N VAL B 37 17.19 18.42 53.21
CA VAL B 37 17.31 16.99 52.93
C VAL B 37 16.73 16.15 54.06
N ALA B 38 16.93 16.58 55.30
CA ALA B 38 16.43 15.97 56.54
C ALA B 38 14.94 16.23 56.71
N THR B 39 14.46 17.46 56.37
CA THR B 39 13.06 17.88 56.44
C THR B 39 12.19 17.00 55.55
N CYS B 40 12.69 16.73 54.32
CA CYS B 40 12.02 15.92 53.29
C CYS B 40 12.21 14.44 53.47
N HIS B 41 13.03 14.05 54.48
CA HIS B 41 13.31 12.68 54.91
C HIS B 41 13.96 11.84 53.81
N PHE B 42 14.98 12.44 53.14
CA PHE B 42 15.74 11.73 52.10
C PHE B 42 16.51 10.59 52.78
N ASN B 43 16.26 9.37 52.33
CA ASN B 43 16.90 8.17 52.85
C ASN B 43 18.26 7.97 52.14
N HIS B 44 19.33 8.12 52.92
CA HIS B 44 20.70 8.08 52.45
C HIS B 44 21.20 6.69 52.12
N SER B 45 20.47 5.63 52.56
CA SER B 45 20.85 4.24 52.32
C SER B 45 20.33 3.70 50.98
N SER B 46 19.29 4.36 50.45
CA SER B 46 18.55 4.08 49.23
C SER B 46 19.08 4.75 47.95
N LYS B 47 18.64 4.25 46.78
CA LYS B 47 18.93 4.82 45.46
C LYS B 47 17.97 5.99 45.22
N THR B 48 18.29 6.83 44.25
CA THR B 48 17.51 8.01 43.93
C THR B 48 17.14 8.01 42.44
N PHE B 49 15.84 8.23 42.19
CA PHE B 49 15.27 8.40 40.87
C PHE B 49 14.97 9.90 40.69
N MET B 50 15.53 10.50 39.63
CA MET B 50 15.24 11.91 39.33
C MET B 50 14.41 11.97 38.04
N VAL B 51 13.11 12.27 38.19
CA VAL B 51 12.16 12.42 37.09
C VAL B 51 12.30 13.83 36.51
N ILE B 52 12.56 13.93 35.20
CA ILE B 52 12.70 15.18 34.47
C ILE B 52 11.66 15.24 33.32
N HIS B 53 10.67 16.14 33.46
CA HIS B 53 9.58 16.33 32.49
C HIS B 53 10.06 16.96 31.18
N GLY B 54 9.15 17.05 30.20
CA GLY B 54 9.47 17.67 28.94
C GLY B 54 8.89 19.06 28.79
N TRP B 55 8.58 19.39 27.53
CA TRP B 55 7.93 20.62 27.11
C TRP B 55 6.47 20.54 27.58
N THR B 56 5.93 21.66 28.09
CA THR B 56 4.55 21.74 28.54
C THR B 56 3.98 23.04 28.04
N VAL B 57 2.88 22.98 27.23
CA VAL B 57 2.24 24.17 26.64
C VAL B 57 1.46 24.98 27.67
N THR B 58 1.18 24.37 28.86
CA THR B 58 0.38 24.93 29.96
C THR B 58 1.21 25.37 31.19
N GLY B 59 2.49 24.98 31.24
CA GLY B 59 3.38 25.30 32.36
C GLY B 59 3.08 24.54 33.65
N MET B 60 2.28 23.49 33.55
CA MET B 60 1.98 22.64 34.70
C MET B 60 2.30 21.18 34.34
N TYR B 61 2.44 20.31 35.37
CA TYR B 61 2.73 18.90 35.22
C TYR B 61 1.70 18.20 34.38
N GLU B 62 2.17 17.36 33.44
CA GLU B 62 1.31 16.50 32.62
C GLU B 62 0.90 15.36 33.59
N SER B 63 -0.29 14.77 33.41
CA SER B 63 -0.86 13.71 34.27
C SER B 63 -0.02 12.38 34.40
N TRP B 64 1.06 12.19 33.60
CA TRP B 64 1.92 11.01 33.67
C TRP B 64 2.89 11.04 34.86
N VAL B 65 3.24 12.25 35.32
CA VAL B 65 4.19 12.51 36.43
C VAL B 65 3.73 11.80 37.71
N PRO B 66 2.49 12.02 38.26
CA PRO B 66 2.10 11.28 39.48
C PRO B 66 2.08 9.75 39.29
N LYS B 67 1.81 9.30 38.06
CA LYS B 67 1.73 7.89 37.65
C LYS B 67 3.10 7.23 37.65
N LEU B 68 4.16 7.92 37.14
CA LEU B 68 5.51 7.36 37.12
C LEU B 68 6.08 7.28 38.53
N VAL B 69 5.93 8.36 39.32
CA VAL B 69 6.37 8.49 40.72
C VAL B 69 5.70 7.37 41.55
N ALA B 70 4.38 7.11 41.30
CA ALA B 70 3.62 6.02 41.95
C ALA B 70 4.21 4.65 41.58
N ALA B 71 4.53 4.45 40.30
CA ALA B 71 5.08 3.18 39.82
C ALA B 71 6.47 2.92 40.37
N LEU B 72 7.33 3.98 40.44
CA LEU B 72 8.70 3.88 40.99
C LEU B 72 8.72 3.55 42.50
N TYR B 73 7.72 4.03 43.29
CA TYR B 73 7.62 3.73 44.72
C TYR B 73 6.99 2.38 44.99
N LYS B 74 6.13 1.91 44.06
CA LYS B 74 5.52 0.58 44.12
C LYS B 74 6.62 -0.45 43.89
N ARG B 75 7.42 -0.26 42.84
CA ARG B 75 8.53 -1.12 42.50
C ARG B 75 9.66 -0.99 43.50
N GLU B 76 10.14 0.24 43.77
CA GLU B 76 11.22 0.48 44.75
C GLU B 76 10.68 1.28 45.96
N PRO B 77 10.08 0.61 46.98
CA PRO B 77 9.44 1.36 48.10
C PRO B 77 10.35 2.19 49.04
N ASP B 78 11.63 1.80 49.21
CA ASP B 78 12.54 2.52 50.11
C ASP B 78 13.36 3.63 49.42
N SER B 79 13.32 3.71 48.05
CA SER B 79 14.01 4.71 47.20
C SER B 79 13.55 6.17 47.37
N ASN B 80 14.31 7.12 46.79
CA ASN B 80 13.99 8.56 46.80
C ASN B 80 13.58 9.00 45.38
N VAL B 81 12.30 9.41 45.17
CA VAL B 81 11.84 9.90 43.87
C VAL B 81 11.77 11.40 43.92
N ILE B 82 12.70 12.04 43.26
CA ILE B 82 12.79 13.48 43.13
C ILE B 82 12.17 13.88 41.78
N VAL B 83 11.24 14.85 41.80
CA VAL B 83 10.69 15.39 40.57
C VAL B 83 11.36 16.73 40.33
N VAL B 84 12.04 16.87 39.19
CA VAL B 84 12.70 18.11 38.77
C VAL B 84 11.69 19.01 38.06
N ASP B 85 11.51 20.20 38.60
CA ASP B 85 10.62 21.25 38.11
C ASP B 85 11.42 22.30 37.36
N TRP B 86 11.18 22.38 36.07
CA TRP B 86 11.74 23.38 35.15
C TRP B 86 10.59 23.84 34.21
N LEU B 87 9.35 23.89 34.78
CA LEU B 87 8.08 24.25 34.14
C LEU B 87 8.08 25.60 33.42
N SER B 88 8.65 26.67 34.03
CA SER B 88 8.71 27.97 33.36
C SER B 88 9.61 27.89 32.13
N ARG B 89 10.74 27.17 32.22
CA ARG B 89 11.63 27.01 31.07
C ARG B 89 11.01 26.06 30.04
N ALA B 90 10.16 25.12 30.51
CA ALA B 90 9.47 24.12 29.73
C ALA B 90 8.26 24.68 29.01
N GLN B 91 7.76 25.82 29.47
CA GLN B 91 6.64 26.51 28.86
C GLN B 91 7.18 27.73 28.17
N GLU B 92 7.62 27.55 26.93
CA GLU B 92 8.16 28.58 26.04
C GLU B 92 8.07 28.05 24.60
N HIS B 93 8.38 28.89 23.57
CA HIS B 93 8.39 28.47 22.17
C HIS B 93 9.39 27.29 22.11
N TYR B 94 8.97 26.15 21.51
CA TYR B 94 9.80 24.93 21.51
C TYR B 94 11.32 25.19 21.30
N PRO B 95 11.82 25.92 20.27
CA PRO B 95 13.28 26.07 20.12
C PRO B 95 13.98 26.80 21.27
N VAL B 96 13.18 27.53 22.08
CA VAL B 96 13.66 28.28 23.24
C VAL B 96 13.81 27.28 24.39
N SER B 97 12.69 26.56 24.75
CA SER B 97 12.63 25.48 25.72
C SER B 97 13.72 24.40 25.43
N ALA B 98 13.98 24.07 24.13
CA ALA B 98 15.03 23.15 23.65
C ALA B 98 16.40 23.63 24.10
N GLY B 99 16.62 24.95 24.04
CA GLY B 99 17.87 25.58 24.42
C GLY B 99 18.09 25.58 25.91
N TYR B 100 16.99 25.64 26.69
CA TYR B 100 16.97 25.63 28.14
C TYR B 100 17.38 24.31 28.78
N THR B 101 17.38 23.20 28.01
CA THR B 101 17.78 21.85 28.44
C THR B 101 19.24 21.88 28.97
N LYS B 102 20.10 22.77 28.38
CA LYS B 102 21.49 22.98 28.80
C LYS B 102 21.55 23.62 30.20
N LEU B 103 20.63 24.55 30.49
CA LEU B 103 20.54 25.26 31.76
C LEU B 103 19.98 24.40 32.86
N VAL B 104 18.95 23.63 32.54
CA VAL B 104 18.31 22.66 33.44
C VAL B 104 19.31 21.51 33.76
N GLY B 105 20.07 21.07 32.76
CA GLY B 105 21.11 20.07 32.87
C GLY B 105 22.18 20.48 33.86
N GLN B 106 22.64 21.75 33.78
CA GLN B 106 23.65 22.32 34.70
C GLN B 106 23.11 22.44 36.15
N ASP B 107 21.81 22.79 36.29
CA ASP B 107 21.13 22.86 37.60
C ASP B 107 21.01 21.47 38.22
N VAL B 108 20.70 20.45 37.37
CA VAL B 108 20.57 19.05 37.83
C VAL B 108 21.96 18.53 38.25
N ALA B 109 23.00 18.72 37.43
CA ALA B 109 24.37 18.30 37.75
C ALA B 109 24.89 18.96 39.05
N ARG B 110 24.68 20.31 39.21
CA ARG B 110 25.11 21.05 40.42
C ARG B 110 24.42 20.56 41.66
N PHE B 111 23.14 20.15 41.54
CA PHE B 111 22.39 19.57 42.64
C PHE B 111 22.93 18.19 42.99
N ILE B 112 23.23 17.34 41.97
CA ILE B 112 23.77 15.96 42.16
C ILE B 112 25.17 16.01 42.85
N ASN B 113 26.00 16.98 42.43
CA ASN B 113 27.33 17.30 42.96
C ASN B 113 27.26 17.85 44.39
N TRP B 114 26.24 18.66 44.68
CA TRP B 114 26.06 19.17 46.04
C TRP B 114 25.71 18.02 47.00
N MET B 115 24.87 17.06 46.55
CA MET B 115 24.48 15.87 47.33
C MET B 115 25.67 14.95 47.59
N GLU B 116 26.58 14.84 46.60
CA GLU B 116 27.79 14.05 46.67
C GLU B 116 28.74 14.70 47.66
N GLU B 117 29.00 15.99 47.46
CA GLU B 117 29.91 16.77 48.31
C GLU B 117 29.41 16.94 49.77
N GLU B 118 28.16 17.37 49.97
CA GLU B 118 27.58 17.62 51.30
C GLU B 118 27.29 16.38 52.12
N PHE B 119 26.81 15.29 51.50
CA PHE B 119 26.44 14.07 52.26
C PHE B 119 27.17 12.80 51.83
N ASN B 120 28.17 12.93 50.94
CA ASN B 120 28.94 11.82 50.37
C ASN B 120 28.04 10.75 49.75
N TYR B 121 26.89 11.20 49.21
CA TYR B 121 25.91 10.38 48.54
C TYR B 121 26.51 9.80 47.24
N PRO B 122 26.48 8.46 47.06
CA PRO B 122 27.09 7.89 45.84
C PRO B 122 26.23 8.05 44.60
N LEU B 123 26.91 8.56 43.55
CA LEU B 123 26.38 8.83 42.22
C LEU B 123 26.16 7.53 41.44
N ASP B 124 26.49 6.38 42.06
CA ASP B 124 26.31 5.01 41.58
C ASP B 124 24.95 4.47 42.05
N ASN B 125 24.19 5.34 42.76
CA ASN B 125 22.87 5.08 43.31
C ASN B 125 21.86 6.05 42.65
N VAL B 126 22.26 6.76 41.53
CA VAL B 126 21.42 7.74 40.84
C VAL B 126 20.98 7.28 39.42
N HIS B 127 19.65 7.21 39.24
CA HIS B 127 18.95 6.91 37.99
C HIS B 127 18.17 8.18 37.51
N LEU B 128 18.51 8.70 36.33
CA LEU B 128 17.85 9.89 35.77
C LEU B 128 16.84 9.45 34.72
N LEU B 129 15.59 9.91 34.84
CA LEU B 129 14.55 9.53 33.89
C LEU B 129 14.03 10.79 33.27
N GLY B 130 14.44 11.02 32.04
CA GLY B 130 14.04 12.19 31.30
C GLY B 130 13.13 11.90 30.12
N TYR B 131 12.00 12.63 30.01
CA TYR B 131 11.03 12.46 28.94
C TYR B 131 11.17 13.58 27.91
N SER B 132 11.12 13.25 26.62
CA SER B 132 11.22 14.26 25.55
C SER B 132 12.45 15.20 25.69
N LEU B 133 12.24 16.48 26.09
CA LEU B 133 13.30 17.47 26.33
C LEU B 133 14.13 17.13 27.60
N GLY B 134 13.45 16.51 28.57
CA GLY B 134 14.03 16.06 29.82
C GLY B 134 15.11 15.01 29.70
N ALA B 135 15.06 14.16 28.62
CA ALA B 135 16.07 13.15 28.32
C ALA B 135 17.37 13.84 27.91
N HIS B 136 17.24 14.92 27.16
CA HIS B 136 18.32 15.76 26.69
C HIS B 136 18.91 16.60 27.76
N ALA B 137 18.09 17.04 28.75
CA ALA B 137 18.57 17.75 29.93
C ALA B 137 19.20 16.73 30.91
N ALA B 138 18.66 15.47 30.99
CA ALA B 138 19.19 14.36 31.84
C ALA B 138 20.60 14.01 31.35
N GLY B 139 20.77 13.90 30.03
CA GLY B 139 22.05 13.65 29.39
C GLY B 139 23.04 14.79 29.59
N ILE B 140 22.59 16.06 29.47
CA ILE B 140 23.45 17.23 29.73
C ILE B 140 23.94 17.18 31.20
N ALA B 141 23.00 16.94 32.14
CA ALA B 141 23.29 16.78 33.57
C ALA B 141 24.34 15.69 33.80
N GLY B 142 24.13 14.50 33.23
CA GLY B 142 25.04 13.35 33.32
C GLY B 142 26.47 13.63 32.90
N SER B 143 26.64 14.49 31.89
CA SER B 143 27.93 14.93 31.35
C SER B 143 28.68 15.92 32.25
N LEU B 144 27.99 16.51 33.27
CA LEU B 144 28.53 17.54 34.16
C LEU B 144 28.69 17.12 35.61
N THR B 145 28.41 15.85 35.90
CA THR B 145 28.58 15.32 37.26
C THR B 145 30.08 15.04 37.48
N ASN B 146 30.53 15.13 38.75
CA ASN B 146 31.93 14.91 39.14
C ASN B 146 32.34 13.44 38.89
N LYS B 147 31.36 12.52 39.04
CA LYS B 147 31.44 11.09 38.76
C LYS B 147 30.21 10.75 37.93
N LYS B 148 30.30 9.75 37.05
CA LYS B 148 29.19 9.36 36.18
C LYS B 148 28.01 8.86 36.97
N VAL B 149 26.77 9.15 36.48
CA VAL B 149 25.60 8.59 37.14
C VAL B 149 25.46 7.15 36.68
N ASN B 150 24.86 6.32 37.52
CA ASN B 150 24.73 4.91 37.20
C ASN B 150 23.88 4.68 35.94
N ARG B 151 22.77 5.43 35.80
CA ARG B 151 21.82 5.20 34.69
C ARG B 151 20.99 6.45 34.30
N ILE B 152 20.70 6.59 32.99
CA ILE B 152 19.81 7.58 32.38
C ILE B 152 18.86 6.78 31.49
N THR B 153 17.55 6.98 31.67
CA THR B 153 16.52 6.41 30.83
C THR B 153 15.87 7.52 30.03
N GLY B 154 16.08 7.47 28.71
CA GLY B 154 15.52 8.43 27.76
C GLY B 154 14.20 7.92 27.28
N LEU B 155 13.11 8.60 27.67
CA LEU B 155 11.74 8.25 27.28
C LEU B 155 11.32 9.12 26.11
N ASP B 156 11.49 8.57 24.89
CA ASP B 156 11.29 9.21 23.57
C ASP B 156 11.89 10.59 23.56
N PRO B 157 13.24 10.69 23.69
CA PRO B 157 13.90 12.02 23.64
C PRO B 157 13.44 12.83 22.44
N ALA B 158 13.27 14.18 22.60
CA ALA B 158 12.82 15.01 21.47
C ALA B 158 13.78 14.93 20.27
N GLY B 159 13.24 15.10 19.05
CA GLY B 159 13.99 15.06 17.80
C GLY B 159 14.30 16.39 17.16
N PRO B 160 13.35 17.36 17.15
CA PRO B 160 13.66 18.65 16.53
C PRO B 160 14.70 19.39 17.35
N ASN B 161 15.83 19.76 16.70
CA ASN B 161 17.00 20.46 17.21
C ASN B 161 18.01 19.54 17.85
N PHE B 162 17.64 18.27 18.02
CA PHE B 162 18.52 17.30 18.62
C PHE B 162 18.97 16.27 17.63
N GLU B 163 18.22 16.11 16.51
CA GLU B 163 18.55 15.12 15.51
C GLU B 163 19.95 15.30 14.92
N TYR B 164 20.39 16.55 14.74
CA TYR B 164 21.71 16.84 14.17
C TYR B 164 22.67 17.46 15.18
N ALA B 165 22.25 17.49 16.46
CA ALA B 165 23.03 18.01 17.58
C ALA B 165 24.19 17.10 17.92
N GLU B 166 25.30 17.71 18.34
CA GLU B 166 26.50 16.99 18.76
C GLU B 166 26.27 16.46 20.16
N ALA B 167 26.96 15.35 20.52
CA ALA B 167 26.86 14.66 21.81
C ALA B 167 26.81 15.57 23.06
N PRO B 168 27.53 16.73 23.16
CA PRO B 168 27.40 17.54 24.39
C PRO B 168 26.05 18.21 24.55
N SER B 169 25.33 18.42 23.44
CA SER B 169 24.07 19.15 23.34
C SER B 169 22.81 18.27 23.42
N ARG B 170 22.99 16.97 23.70
CA ARG B 170 21.88 16.01 23.72
C ARG B 170 22.25 14.83 24.59
N LEU B 171 21.33 13.84 24.68
CA LEU B 171 21.56 12.57 25.34
C LEU B 171 22.55 11.80 24.48
N SER B 172 23.57 11.24 25.10
CA SER B 172 24.59 10.43 24.42
C SER B 172 24.97 9.26 25.35
N PRO B 173 25.55 8.14 24.84
CA PRO B 173 25.93 7.02 25.75
C PRO B 173 27.00 7.39 26.78
N ASP B 174 27.77 8.46 26.53
CA ASP B 174 28.86 8.94 27.40
C ASP B 174 28.38 9.64 28.68
N ASP B 175 27.07 9.96 28.77
CA ASP B 175 26.46 10.73 29.85
C ASP B 175 26.25 9.98 31.15
N ALA B 176 26.14 8.65 31.09
CA ALA B 176 25.98 7.79 32.26
C ALA B 176 26.70 6.48 32.01
N ASP B 177 26.88 5.64 33.04
CA ASP B 177 27.49 4.33 32.90
C ASP B 177 26.60 3.53 31.97
N PHE B 178 25.26 3.67 32.11
CA PHE B 178 24.32 3.03 31.22
C PHE B 178 23.17 3.95 30.82
N VAL B 179 23.05 4.16 29.51
CA VAL B 179 21.96 4.94 28.92
C VAL B 179 21.02 3.99 28.14
N ASP B 180 19.73 3.92 28.55
CA ASP B 180 18.73 3.14 27.82
C ASP B 180 17.62 4.05 27.27
N VAL B 181 17.32 3.90 25.99
CA VAL B 181 16.36 4.76 25.33
C VAL B 181 15.20 3.98 24.75
N LEU B 182 13.99 4.55 24.83
CA LEU B 182 12.74 4.04 24.27
C LEU B 182 12.30 5.09 23.23
N HIS B 183 12.33 4.77 21.90
CA HIS B 183 11.90 5.62 20.77
C HIS B 183 10.49 5.21 20.38
N THR B 184 9.48 6.06 20.63
CA THR B 184 8.08 5.70 20.36
C THR B 184 7.33 6.57 19.30
N PHE B 185 7.93 7.66 18.81
CA PHE B 185 7.27 8.55 17.83
C PHE B 185 8.29 9.17 16.89
N THR B 186 9.01 8.32 16.14
CA THR B 186 10.06 8.66 15.16
C THR B 186 9.49 9.02 13.78
N ARG B 187 8.14 8.94 13.61
CA ARG B 187 7.41 9.28 12.37
C ARG B 187 7.79 10.70 11.94
N GLY B 188 8.09 10.84 10.64
CA GLY B 188 8.51 12.08 9.98
C GLY B 188 9.88 11.91 9.38
N SER B 189 10.39 12.92 8.68
CA SER B 189 11.74 12.88 8.11
C SER B 189 12.76 13.30 9.21
N PRO B 190 14.08 12.97 9.08
CA PRO B 190 15.02 13.37 10.14
C PRO B 190 15.10 14.87 10.38
N GLY B 191 14.96 15.26 11.65
CA GLY B 191 14.94 16.65 12.09
C GLY B 191 13.52 17.18 12.20
N ARG B 192 12.54 16.44 11.64
CA ARG B 192 11.09 16.79 11.63
C ARG B 192 10.18 15.69 12.20
N SER B 193 10.70 14.89 13.13
CA SER B 193 9.98 13.82 13.85
C SER B 193 9.82 14.33 15.28
N ILE B 194 8.74 13.97 15.98
CA ILE B 194 8.54 14.40 17.37
C ILE B 194 9.64 13.81 18.26
N GLY B 195 9.84 12.49 18.18
CA GLY B 195 10.89 11.80 18.93
C GLY B 195 12.11 11.57 18.07
N ILE B 196 13.32 11.59 18.70
CA ILE B 196 14.59 11.38 17.99
C ILE B 196 14.64 10.00 17.31
N GLN B 197 15.17 9.95 16.10
CA GLN B 197 15.28 8.74 15.25
C GLN B 197 16.54 7.95 15.50
N LYS B 198 17.63 8.69 15.65
CA LYS B 198 19.00 8.24 15.85
C LYS B 198 19.18 7.56 17.21
N PRO B 199 19.92 6.43 17.25
CA PRO B 199 20.23 5.80 18.54
C PRO B 199 21.10 6.75 19.38
N VAL B 200 20.73 6.99 20.66
CA VAL B 200 21.43 7.93 21.57
C VAL B 200 21.89 7.28 22.89
N GLY B 201 21.65 5.97 23.04
CA GLY B 201 22.04 5.20 24.22
C GLY B 201 22.93 4.01 23.90
N HIS B 202 23.04 3.11 24.88
CA HIS B 202 23.75 1.84 24.79
C HIS B 202 22.77 0.77 24.28
N VAL B 203 21.48 0.94 24.62
CA VAL B 203 20.35 0.11 24.19
C VAL B 203 19.26 1.09 23.82
N ASP B 204 18.93 1.10 22.52
CA ASP B 204 17.91 1.91 21.91
C ASP B 204 16.80 0.97 21.44
N ILE B 205 15.63 1.00 22.13
CA ILE B 205 14.47 0.14 21.86
C ILE B 205 13.43 0.94 21.07
N TYR B 206 12.92 0.31 19.99
CA TYR B 206 11.97 0.89 19.06
C TYR B 206 10.67 0.07 19.05
N PRO B 207 9.76 0.30 20.03
CA PRO B 207 8.49 -0.46 20.04
C PRO B 207 7.64 -0.14 18.82
N ASN B 208 7.10 -1.20 18.15
CA ASN B 208 6.31 -1.19 16.92
C ASN B 208 6.97 -0.35 15.80
N GLY B 209 8.28 -0.53 15.63
CA GLY B 209 9.03 0.18 14.60
C GLY B 209 9.58 1.52 15.04
N GLY B 210 8.96 2.08 16.10
CA GLY B 210 9.32 3.32 16.77
C GLY B 210 8.69 4.55 16.18
N THR B 211 8.08 4.41 14.98
CA THR B 211 7.50 5.51 14.23
C THR B 211 6.24 6.05 14.87
N PHE B 212 5.40 5.17 15.38
CA PHE B 212 4.09 5.49 15.93
C PHE B 212 3.61 4.23 16.64
N GLN B 213 2.74 4.40 17.64
CA GLN B 213 2.32 3.31 18.52
C GLN B 213 0.89 2.82 18.34
N PRO B 214 0.62 1.51 18.65
CA PRO B 214 -0.75 1.00 18.54
C PRO B 214 -1.68 1.62 19.56
N GLY B 215 -2.89 1.98 19.14
CA GLY B 215 -3.93 2.59 19.96
C GLY B 215 -3.85 4.10 19.94
N CYS B 216 -3.07 4.63 18.98
CA CYS B 216 -2.82 6.05 18.84
C CYS B 216 -3.42 6.69 17.57
N ASN B 217 -4.03 5.90 16.67
CA ASN B 217 -4.72 6.46 15.51
C ASN B 217 -6.02 7.11 16.06
N ILE B 218 -6.43 8.26 15.48
CA ILE B 218 -7.61 9.03 15.93
C ILE B 218 -8.88 8.14 16.06
N GLY B 219 -9.46 8.14 17.26
CA GLY B 219 -10.64 7.33 17.57
C GLY B 219 -10.39 6.31 18.66
N VAL B 233 -4.82 17.99 27.47
CA VAL B 233 -4.37 19.08 26.60
C VAL B 233 -3.49 18.53 25.45
N ASP B 234 -4.07 18.45 24.23
CA ASP B 234 -3.40 17.91 23.03
C ASP B 234 -2.94 16.45 23.27
N GLN B 235 -3.76 15.69 24.04
CA GLN B 235 -3.53 14.30 24.44
C GLN B 235 -3.45 13.36 23.25
N LEU B 236 -4.28 13.61 22.21
CA LEU B 236 -4.38 12.85 20.96
C LEU B 236 -3.09 12.94 20.14
N VAL B 237 -2.53 14.16 20.02
CA VAL B 237 -1.33 14.39 19.23
C VAL B 237 -0.06 13.82 19.90
N LYS B 238 -0.11 13.54 21.21
CA LYS B 238 1.07 13.10 21.95
C LYS B 238 1.02 11.70 22.57
N CYS B 239 -0.02 10.86 22.31
CA CYS B 239 -0.02 9.53 22.93
C CYS B 239 1.15 8.64 22.48
N SER B 240 1.58 8.74 21.19
CA SER B 240 2.73 7.98 20.66
C SER B 240 4.02 8.31 21.40
N HIS B 241 4.24 9.59 21.65
CA HIS B 241 5.37 10.19 22.34
C HIS B 241 5.41 9.73 23.80
N GLU B 242 4.29 9.93 24.51
CA GLU B 242 4.05 9.63 25.92
C GLU B 242 3.98 8.13 26.23
N ARG B 243 3.73 7.27 25.20
CA ARG B 243 3.69 5.82 25.37
C ARG B 243 4.99 5.29 25.96
N SER B 244 6.15 5.93 25.68
CA SER B 244 7.46 5.59 26.25
C SER B 244 7.45 5.54 27.78
N ILE B 245 6.76 6.50 28.44
CA ILE B 245 6.60 6.54 29.90
C ILE B 245 5.76 5.37 30.36
N HIS B 246 4.62 5.14 29.72
CA HIS B 246 3.71 4.04 30.09
C HIS B 246 4.31 2.68 29.84
N LEU B 247 5.10 2.54 28.75
CA LEU B 247 5.86 1.31 28.48
C LEU B 247 6.80 1.06 29.65
N PHE B 248 7.52 2.11 30.12
CA PHE B 248 8.41 2.06 31.29
C PHE B 248 7.67 1.79 32.60
N ILE B 249 6.48 2.42 32.83
CA ILE B 249 5.61 2.24 34.03
C ILE B 249 5.22 0.77 34.11
N ASP B 250 4.81 0.22 33.00
CA ASP B 250 4.39 -1.17 32.85
C ASP B 250 5.54 -2.12 33.22
N SER B 251 6.81 -1.76 32.90
CA SER B 251 7.97 -2.56 33.26
C SER B 251 8.25 -2.51 34.75
N LEU B 252 7.89 -1.38 35.39
CA LEU B 252 8.03 -1.20 36.83
C LEU B 252 7.02 -2.04 37.58
N LEU B 253 5.81 -2.18 37.01
CA LEU B 253 4.68 -2.90 37.60
C LEU B 253 4.64 -4.42 37.34
N ASN B 254 5.52 -4.91 36.45
CA ASN B 254 5.59 -6.32 36.07
C ASN B 254 7.06 -6.75 36.00
N GLU B 255 7.72 -6.80 37.16
CA GLU B 255 9.12 -7.24 37.29
C GLU B 255 9.31 -8.72 36.93
N GLU B 256 8.27 -9.53 37.22
CA GLU B 256 8.19 -10.96 36.98
C GLU B 256 8.08 -11.26 35.48
N ASN B 257 7.22 -10.52 34.72
CA ASN B 257 7.07 -10.76 33.28
C ASN B 257 7.51 -9.52 32.38
N PRO B 258 8.83 -9.27 32.23
CA PRO B 258 9.29 -8.22 31.30
C PRO B 258 8.92 -8.50 29.83
N SER B 259 8.87 -7.44 29.03
CA SER B 259 8.60 -7.44 27.60
C SER B 259 9.99 -7.54 26.93
N LYS B 260 10.17 -8.46 25.97
CA LYS B 260 11.46 -8.76 25.32
C LYS B 260 11.69 -8.01 24.04
N ALA B 261 12.80 -7.25 23.99
CA ALA B 261 13.17 -6.52 22.79
C ALA B 261 14.25 -7.33 22.04
N TYR B 262 14.27 -7.25 20.69
CA TYR B 262 15.20 -8.00 19.82
C TYR B 262 15.95 -7.10 18.86
N ARG B 263 17.30 -7.08 18.97
CA ARG B 263 18.23 -6.41 18.05
C ARG B 263 17.94 -6.92 16.67
N CYS B 264 17.99 -6.00 15.72
CA CYS B 264 17.72 -6.30 14.31
C CYS B 264 18.36 -5.25 13.39
N SER B 265 18.73 -5.68 12.17
CA SER B 265 19.32 -4.88 11.08
C SER B 265 18.40 -3.73 10.66
N SER B 266 17.06 -3.94 10.72
CA SER B 266 16.03 -2.93 10.40
C SER B 266 14.67 -3.32 10.94
N LYS B 267 13.71 -2.40 10.96
CA LYS B 267 12.33 -2.66 11.41
C LYS B 267 11.60 -3.58 10.43
N GLU B 268 12.01 -3.54 9.14
CA GLU B 268 11.48 -4.36 8.03
C GLU B 268 11.86 -5.84 8.17
N ALA B 269 13.14 -6.12 8.52
CA ALA B 269 13.65 -7.48 8.74
C ALA B 269 13.01 -8.08 10.00
N PHE B 270 12.67 -7.24 10.99
CA PHE B 270 12.01 -7.69 12.22
C PHE B 270 10.60 -8.12 11.92
N GLU B 271 9.92 -7.43 10.97
CA GLU B 271 8.53 -7.66 10.56
C GLU B 271 8.34 -8.98 9.81
N LYS B 272 9.44 -9.55 9.27
CA LYS B 272 9.52 -10.83 8.56
C LYS B 272 9.85 -11.98 9.55
N GLY B 273 9.98 -11.65 10.83
CA GLY B 273 10.32 -12.60 11.88
C GLY B 273 11.78 -13.05 11.86
N LEU B 274 12.64 -12.30 11.15
CA LEU B 274 14.07 -12.62 11.02
C LEU B 274 14.91 -12.40 12.27
N CYS B 275 14.49 -11.51 13.19
CA CYS B 275 15.23 -11.19 14.41
C CYS B 275 14.49 -11.54 15.68
N LEU B 276 14.66 -12.79 16.12
CA LEU B 276 14.05 -13.28 17.35
C LEU B 276 15.08 -13.96 18.22
N SER B 277 16.35 -13.59 18.01
CA SER B 277 17.51 -14.17 18.69
C SER B 277 17.76 -13.57 20.08
N CYS B 278 18.35 -14.41 20.97
CA CYS B 278 18.77 -14.06 22.34
C CYS B 278 20.28 -14.29 22.54
N ARG B 279 21.01 -14.68 21.46
CA ARG B 279 22.47 -14.95 21.49
C ARG B 279 23.25 -13.66 21.76
N LYS B 280 24.06 -13.64 22.84
CA LYS B 280 24.90 -12.52 23.30
C LYS B 280 24.22 -11.13 23.13
N ASN B 281 23.25 -10.87 24.03
CA ASN B 281 22.48 -9.63 24.19
C ASN B 281 21.77 -9.13 22.91
N ARG B 282 21.36 -10.06 22.01
CA ARG B 282 20.58 -9.74 20.82
C ARG B 282 19.10 -9.63 21.23
N CYS B 283 18.79 -10.05 22.47
CA CYS B 283 17.49 -9.81 23.10
C CYS B 283 17.74 -9.20 24.47
N ASN B 284 16.84 -8.33 24.93
CA ASN B 284 16.98 -7.67 26.23
C ASN B 284 15.62 -7.33 26.79
N ASN B 285 15.57 -6.94 28.05
CA ASN B 285 14.29 -6.57 28.67
C ASN B 285 13.97 -5.12 28.39
N LEU B 286 12.75 -4.81 27.96
CA LEU B 286 12.39 -3.39 27.82
C LEU B 286 12.14 -2.89 29.28
N GLY B 287 12.66 -1.70 29.61
CA GLY B 287 12.44 -1.03 30.87
C GLY B 287 13.44 -1.20 32.00
N TYR B 288 12.90 -1.17 33.22
CA TYR B 288 13.62 -1.16 34.46
C TYR B 288 14.56 -2.38 34.67
N GLU B 289 14.12 -3.58 34.23
CA GLU B 289 14.82 -4.88 34.38
C GLU B 289 15.82 -5.18 33.25
N ILE B 290 16.16 -4.17 32.45
CA ILE B 290 17.11 -4.26 31.33
C ILE B 290 18.48 -4.76 31.85
N ASN B 291 19.15 -5.63 31.10
CA ASN B 291 20.50 -6.06 31.48
C ASN B 291 21.44 -4.95 30.99
N LYS B 292 22.12 -4.29 31.93
CA LYS B 292 23.01 -3.14 31.70
C LYS B 292 24.28 -3.50 30.92
N VAL B 293 24.08 -3.86 29.64
CA VAL B 293 25.08 -4.28 28.68
C VAL B 293 25.52 -3.10 27.81
N ARG B 294 26.79 -2.70 27.93
CA ARG B 294 27.39 -1.62 27.13
C ARG B 294 28.01 -2.33 25.92
N ALA B 295 27.94 -1.71 24.74
CA ALA B 295 28.50 -2.27 23.49
C ALA B 295 29.27 -1.21 22.71
N LYS B 296 30.12 -1.62 21.71
CA LYS B 296 30.93 -0.70 20.87
C LYS B 296 30.02 0.31 20.18
N ARG B 297 29.12 -0.18 19.32
CA ARG B 297 28.10 0.64 18.68
C ARG B 297 26.78 0.28 19.34
N SER B 298 25.74 1.03 19.08
CA SER B 298 24.48 0.77 19.76
C SER B 298 23.63 -0.30 19.09
N SER B 299 23.01 -1.14 19.93
CA SER B 299 22.08 -2.16 19.48
C SER B 299 20.66 -1.56 19.46
N LYS B 300 20.20 -1.31 18.21
CA LYS B 300 18.88 -0.83 17.75
C LYS B 300 17.96 -2.06 17.88
N MET B 301 17.00 -2.02 18.83
CA MET B 301 16.13 -3.17 19.13
C MET B 301 14.69 -2.95 18.84
N TYR B 302 13.96 -4.03 18.56
CA TYR B 302 12.55 -3.96 18.17
C TYR B 302 11.69 -4.97 18.95
N LEU B 303 10.38 -4.71 18.94
CA LEU B 303 9.34 -5.50 19.58
C LEU B 303 8.00 -4.94 19.17
N LYS B 304 6.96 -5.74 19.32
CA LYS B 304 5.58 -5.36 19.06
C LYS B 304 4.96 -5.22 20.44
N THR B 305 3.87 -4.50 20.56
CA THR B 305 3.20 -4.39 21.87
C THR B 305 1.70 -4.36 21.64
N ARG B 306 0.98 -4.49 22.73
CA ARG B 306 -0.45 -4.28 22.77
C ARG B 306 -0.71 -2.74 22.69
N SER B 307 -1.99 -2.34 22.65
CA SER B 307 -2.46 -0.94 22.62
C SER B 307 -2.64 -0.39 24.06
N GLN B 308 -2.76 -1.28 25.05
CA GLN B 308 -3.04 -0.97 26.47
C GLN B 308 -2.11 -1.73 27.41
N MET B 309 -2.02 -1.25 28.65
CA MET B 309 -1.26 -1.87 29.72
C MET B 309 -2.06 -3.08 30.26
N PRO B 310 -1.50 -4.32 30.45
CA PRO B 310 -0.10 -4.80 30.20
C PRO B 310 0.28 -4.90 28.70
N TYR B 311 1.33 -4.20 28.30
CA TYR B 311 1.77 -4.10 26.91
C TYR B 311 2.39 -5.36 26.26
N LYS B 312 2.87 -6.33 27.05
CA LYS B 312 3.53 -7.57 26.60
C LYS B 312 2.79 -8.40 25.56
N VAL B 313 3.57 -8.81 24.55
CA VAL B 313 3.16 -9.71 23.47
C VAL B 313 4.20 -10.83 23.29
N PHE B 314 3.76 -11.96 22.67
CA PHE B 314 4.55 -13.15 22.35
C PHE B 314 4.83 -13.09 20.87
N HIS B 315 6.09 -13.21 20.49
CA HIS B 315 6.54 -13.11 19.10
C HIS B 315 6.91 -14.48 18.57
N TYR B 316 6.45 -14.75 17.38
CA TYR B 316 6.69 -15.98 16.63
C TYR B 316 7.07 -15.66 15.19
N GLN B 317 8.02 -16.43 14.65
CA GLN B 317 8.37 -16.38 13.25
C GLN B 317 7.71 -17.65 12.69
N VAL B 318 6.99 -17.53 11.58
CA VAL B 318 6.33 -18.67 10.96
C VAL B 318 6.94 -18.83 9.56
N LYS B 319 7.39 -20.05 9.20
CA LYS B 319 7.97 -20.38 7.88
C LYS B 319 7.10 -21.44 7.23
N ILE B 320 6.58 -21.14 6.04
CA ILE B 320 5.72 -22.09 5.32
C ILE B 320 6.24 -22.28 3.91
N HIS B 321 6.40 -23.55 3.49
CA HIS B 321 6.77 -23.91 2.13
C HIS B 321 5.48 -24.32 1.46
N PHE B 322 5.19 -23.69 0.30
CA PHE B 322 3.97 -23.98 -0.46
C PHE B 322 4.33 -24.89 -1.61
N SER B 323 3.69 -26.07 -1.66
CA SER B 323 3.99 -27.02 -2.73
C SER B 323 2.80 -27.27 -3.64
N GLY B 324 3.03 -27.16 -4.95
CA GLY B 324 2.00 -27.37 -5.97
C GLY B 324 2.51 -28.09 -7.20
N THR B 325 1.57 -28.61 -8.01
CA THR B 325 1.88 -29.35 -9.25
C THR B 325 2.27 -28.40 -10.36
N GLU B 326 1.37 -27.44 -10.66
CA GLU B 326 1.55 -26.44 -11.70
C GLU B 326 1.99 -25.09 -11.13
N SER B 327 2.79 -24.36 -11.93
CA SER B 327 3.36 -23.06 -11.62
C SER B 327 2.29 -21.98 -11.51
N GLU B 328 1.87 -21.70 -10.27
CA GLU B 328 0.86 -20.70 -9.92
C GLU B 328 1.49 -19.58 -9.08
N THR B 329 1.04 -18.33 -9.30
CA THR B 329 1.47 -17.15 -8.55
C THR B 329 0.22 -16.36 -8.20
N HIS B 330 0.05 -16.03 -6.90
CA HIS B 330 -1.09 -15.27 -6.38
C HIS B 330 -0.58 -14.11 -5.52
N THR B 331 -1.00 -12.87 -5.84
CA THR B 331 -0.57 -11.66 -5.13
C THR B 331 -1.60 -11.15 -4.12
N ASN B 332 -1.09 -10.47 -3.07
CA ASN B 332 -1.88 -9.86 -1.99
C ASN B 332 -2.96 -10.83 -1.47
N GLN B 333 -2.51 -11.99 -0.92
CA GLN B 333 -3.36 -13.06 -0.39
C GLN B 333 -3.50 -12.97 1.12
N ALA B 334 -4.75 -13.06 1.62
CA ALA B 334 -5.06 -12.97 3.03
C ALA B 334 -5.23 -14.34 3.65
N PHE B 335 -4.63 -14.51 4.85
CA PHE B 335 -4.68 -15.75 5.61
C PHE B 335 -5.05 -15.49 7.05
N GLU B 336 -5.32 -16.59 7.78
CA GLU B 336 -5.58 -16.56 9.22
C GLU B 336 -4.82 -17.72 9.83
N ILE B 337 -4.16 -17.48 10.97
CA ILE B 337 -3.41 -18.48 11.71
C ILE B 337 -3.93 -18.60 13.11
N SER B 338 -4.19 -19.83 13.53
CA SER B 338 -4.65 -20.16 14.88
C SER B 338 -3.58 -20.98 15.54
N LEU B 339 -3.22 -20.60 16.76
CA LEU B 339 -2.20 -21.24 17.56
C LEU B 339 -2.85 -21.79 18.80
N TYR B 340 -2.55 -23.06 19.15
CA TYR B 340 -3.11 -23.70 20.34
C TYR B 340 -1.99 -24.27 21.19
N GLY B 341 -2.01 -23.93 22.48
CA GLY B 341 -0.99 -24.40 23.42
C GLY B 341 -1.54 -25.16 24.60
N THR B 342 -0.65 -25.46 25.59
CA THR B 342 -0.98 -26.19 26.84
C THR B 342 -1.78 -25.31 27.78
N VAL B 343 -1.45 -23.99 27.82
CA VAL B 343 -2.11 -23.00 28.68
C VAL B 343 -3.41 -22.49 28.03
N ALA B 344 -3.30 -21.88 26.83
CA ALA B 344 -4.43 -21.30 26.11
C ALA B 344 -4.22 -21.38 24.62
N GLU B 345 -5.05 -20.64 23.86
CA GLU B 345 -5.04 -20.54 22.41
C GLU B 345 -5.24 -19.12 21.94
N SER B 346 -4.84 -18.86 20.69
CA SER B 346 -5.00 -17.56 20.03
C SER B 346 -5.39 -17.84 18.56
N GLU B 347 -6.69 -17.64 18.26
CA GLU B 347 -7.30 -17.95 16.97
C GLU B 347 -7.46 -16.78 16.01
N ASN B 348 -7.61 -17.11 14.71
CA ASN B 348 -7.87 -16.20 13.59
C ASN B 348 -6.92 -14.99 13.49
N ILE B 349 -5.64 -15.18 13.81
CA ILE B 349 -4.62 -14.14 13.72
C ILE B 349 -4.40 -13.85 12.22
N PRO B 350 -4.81 -12.67 11.72
CA PRO B 350 -4.63 -12.41 10.29
C PRO B 350 -3.24 -11.97 9.89
N PHE B 351 -2.91 -12.25 8.63
CA PHE B 351 -1.69 -11.88 7.95
C PHE B 351 -1.93 -12.03 6.45
N THR B 352 -1.38 -11.12 5.68
CA THR B 352 -1.50 -11.19 4.24
C THR B 352 -0.09 -11.33 3.69
N LEU B 353 0.05 -12.01 2.56
CA LEU B 353 1.35 -12.22 1.91
C LEU B 353 1.36 -11.51 0.55
N PRO B 354 2.42 -10.73 0.25
CA PRO B 354 2.49 -10.01 -1.04
C PRO B 354 2.48 -10.93 -2.26
N GLU B 355 3.22 -12.05 -2.21
CA GLU B 355 3.28 -13.05 -3.30
C GLU B 355 3.27 -14.46 -2.70
N VAL B 356 2.46 -15.36 -3.28
CA VAL B 356 2.40 -16.77 -2.87
C VAL B 356 2.61 -17.64 -4.13
N SER B 357 3.84 -18.14 -4.30
CA SER B 357 4.23 -18.96 -5.45
C SER B 357 4.40 -20.43 -5.12
N THR B 358 4.36 -21.26 -6.16
CA THR B 358 4.55 -22.71 -6.14
C THR B 358 6.03 -23.02 -5.86
N ASN B 359 6.24 -23.93 -4.89
CA ASN B 359 7.52 -24.47 -4.42
C ASN B 359 8.46 -23.38 -3.85
N LYS B 360 7.83 -22.37 -3.21
CA LYS B 360 8.49 -21.24 -2.56
C LYS B 360 8.10 -21.16 -1.10
N THR B 361 9.08 -20.79 -0.25
CA THR B 361 8.96 -20.65 1.19
C THR B 361 8.79 -19.16 1.59
N TYR B 362 7.93 -18.90 2.60
CA TYR B 362 7.70 -17.56 3.13
C TYR B 362 7.81 -17.55 4.63
N SER B 363 8.56 -16.60 5.16
CA SER B 363 8.80 -16.38 6.57
C SER B 363 8.08 -15.10 6.98
N PHE B 364 7.50 -15.06 8.18
CA PHE B 364 6.78 -13.85 8.62
C PHE B 364 6.57 -13.88 10.09
N LEU B 365 6.40 -12.72 10.70
CA LEU B 365 6.20 -12.59 12.12
C LEU B 365 4.71 -12.70 12.46
N ILE B 366 4.44 -13.20 13.63
CA ILE B 366 3.13 -13.29 14.21
C ILE B 366 3.32 -12.96 15.71
N TYR B 367 2.45 -12.15 16.26
CA TYR B 367 2.55 -11.82 17.66
C TYR B 367 1.17 -11.95 18.35
N THR B 368 1.14 -12.10 19.67
CA THR B 368 -0.11 -12.25 20.39
C THR B 368 0.00 -11.81 21.87
N GLU B 369 -1.10 -11.25 22.39
CA GLU B 369 -1.26 -10.86 23.79
C GLU B 369 -1.49 -12.09 24.67
N VAL B 370 -1.95 -13.20 24.05
CA VAL B 370 -2.25 -14.44 24.75
C VAL B 370 -1.00 -15.30 25.03
N ASP B 371 -0.86 -15.74 26.30
CA ASP B 371 0.17 -16.68 26.76
C ASP B 371 -0.45 -18.07 26.50
N ILE B 372 -0.14 -18.63 25.33
CA ILE B 372 -0.71 -19.91 24.89
C ILE B 372 0.01 -21.07 25.57
N GLY B 373 1.24 -20.82 26.02
CA GLY B 373 2.12 -21.79 26.65
C GLY B 373 2.99 -22.47 25.61
N GLU B 374 3.13 -23.79 25.73
CA GLU B 374 3.89 -24.60 24.77
C GLU B 374 2.93 -25.00 23.67
N LEU B 375 3.36 -24.79 22.42
CA LEU B 375 2.57 -25.04 21.22
C LEU B 375 2.21 -26.51 20.98
N LEU B 376 0.98 -26.79 20.56
CA LEU B 376 0.55 -28.18 20.31
C LEU B 376 0.00 -28.32 18.90
N MET B 377 -0.89 -27.36 18.52
CA MET B 377 -1.59 -27.34 17.26
C MET B 377 -1.59 -25.97 16.60
N LEU B 378 -1.52 -25.99 15.27
CA LEU B 378 -1.53 -24.83 14.39
C LEU B 378 -2.56 -25.07 13.27
N LYS B 379 -3.49 -24.12 13.09
CA LYS B 379 -4.52 -24.12 12.06
C LYS B 379 -4.25 -22.94 11.14
N LEU B 380 -4.28 -23.18 9.82
CA LEU B 380 -3.99 -22.14 8.83
C LEU B 380 -5.12 -22.09 7.82
N LYS B 381 -5.73 -20.92 7.65
CA LYS B 381 -6.85 -20.69 6.74
C LYS B 381 -6.46 -19.75 5.59
N TRP B 382 -6.80 -20.11 4.36
CA TRP B 382 -6.57 -19.25 3.21
C TRP B 382 -7.92 -18.55 2.91
N LYS B 383 -8.01 -17.26 3.23
CA LYS B 383 -9.24 -16.49 3.03
C LYS B 383 -9.47 -16.13 1.55
N SER B 384 -10.74 -15.76 1.21
CA SER B 384 -11.19 -15.38 -0.14
C SER B 384 -10.85 -13.92 -0.51
N ASP B 392 -19.58 -20.70 -10.86
CA ASP B 392 -18.15 -20.79 -10.57
C ASP B 392 -17.34 -21.11 -11.84
N TRP B 393 -16.55 -20.10 -12.25
CA TRP B 393 -15.78 -20.07 -13.49
C TRP B 393 -14.45 -20.77 -13.39
N TRP B 394 -13.86 -20.79 -12.18
CA TRP B 394 -12.57 -21.43 -11.95
C TRP B 394 -12.56 -22.24 -10.66
N SER B 395 -11.73 -23.29 -10.64
CA SER B 395 -11.49 -24.15 -9.49
C SER B 395 -10.63 -23.35 -8.47
N SER B 396 -11.06 -23.30 -7.18
CA SER B 396 -10.36 -22.62 -6.07
C SER B 396 -8.86 -22.99 -6.02
N PRO B 397 -7.91 -22.01 -6.01
CA PRO B 397 -6.47 -22.40 -5.99
C PRO B 397 -6.07 -23.11 -4.70
N GLY B 398 -5.01 -23.90 -4.79
CA GLY B 398 -4.53 -24.63 -3.62
C GLY B 398 -3.06 -25.00 -3.60
N PHE B 399 -2.51 -25.09 -2.37
CA PHE B 399 -1.15 -25.52 -2.12
C PHE B 399 -1.12 -26.62 -1.09
N ALA B 400 -0.30 -27.62 -1.35
CA ALA B 400 -0.08 -28.75 -0.46
C ALA B 400 1.01 -28.33 0.54
N ILE B 401 0.70 -28.45 1.85
CA ILE B 401 1.62 -28.11 2.94
C ILE B 401 1.81 -29.32 3.84
N GLN B 402 3.06 -29.78 3.92
CA GLN B 402 3.45 -30.91 4.76
C GLN B 402 3.79 -30.37 6.14
N LYS B 403 4.70 -29.36 6.22
CA LYS B 403 5.20 -28.77 7.46
C LYS B 403 5.17 -27.23 7.56
N ILE B 404 5.17 -26.79 8.81
CA ILE B 404 5.27 -25.41 9.24
C ILE B 404 6.26 -25.41 10.39
N ARG B 405 7.33 -24.63 10.27
CA ARG B 405 8.34 -24.40 11.31
C ARG B 405 7.93 -23.08 12.03
N VAL B 406 8.05 -23.04 13.36
CA VAL B 406 7.75 -21.87 14.19
C VAL B 406 8.92 -21.65 15.13
N LYS B 407 9.40 -20.41 15.26
CA LYS B 407 10.42 -20.03 16.24
C LYS B 407 9.77 -19.10 17.25
N ALA B 408 9.83 -19.43 18.52
CA ALA B 408 9.23 -18.60 19.59
C ALA B 408 10.33 -17.80 20.23
N GLY B 409 10.22 -16.48 20.19
CA GLY B 409 11.23 -15.58 20.73
C GLY B 409 11.38 -15.58 22.25
N GLU B 410 10.26 -15.59 22.98
CA GLU B 410 10.25 -15.51 24.43
C GLU B 410 10.82 -16.74 25.09
N THR B 411 10.45 -17.93 24.57
CA THR B 411 10.92 -19.22 25.08
C THR B 411 12.19 -19.70 24.40
N GLN B 412 12.56 -19.13 23.24
CA GLN B 412 13.75 -19.52 22.46
C GLN B 412 13.62 -20.99 22.04
N LYS B 413 12.44 -21.36 21.47
CA LYS B 413 12.11 -22.72 21.05
C LYS B 413 11.78 -22.78 19.57
N LYS B 414 12.45 -23.69 18.83
CA LYS B 414 12.24 -24.00 17.41
C LYS B 414 11.32 -25.21 17.42
N VAL B 415 10.07 -24.99 16.96
CA VAL B 415 9.02 -26.00 16.92
C VAL B 415 8.68 -26.32 15.47
N ILE B 416 8.42 -27.61 15.18
CA ILE B 416 8.01 -28.11 13.87
C ILE B 416 6.60 -28.69 14.00
N PHE B 417 5.75 -28.36 13.05
CA PHE B 417 4.39 -28.85 13.00
C PHE B 417 4.27 -29.63 11.73
N CYS B 418 3.73 -30.83 11.81
CA CYS B 418 3.54 -31.45 10.53
C CYS B 418 2.11 -31.94 10.37
N SER B 419 1.67 -31.96 9.12
CA SER B 419 0.34 -32.32 8.66
C SER B 419 -0.14 -33.59 9.33
N ARG B 420 -1.46 -33.65 9.63
CA ARG B 420 -2.08 -34.83 10.23
C ARG B 420 -1.98 -36.00 9.27
N GLU B 421 -2.33 -35.81 7.98
CA GLU B 421 -2.22 -36.83 6.90
C GLU B 421 -0.84 -36.63 6.21
N LYS B 422 -0.66 -37.03 4.92
CA LYS B 422 0.69 -36.94 4.32
C LYS B 422 1.01 -35.48 4.07
N VAL B 423 0.01 -34.75 3.59
CA VAL B 423 0.04 -33.33 3.29
C VAL B 423 -1.31 -32.76 3.70
N SER B 424 -1.33 -31.48 4.09
CA SER B 424 -2.53 -30.72 4.43
C SER B 424 -2.77 -29.80 3.26
N HIS B 425 -3.85 -30.04 2.50
N HIS B 425 -3.83 -30.03 2.48
CA HIS B 425 -4.19 -29.21 1.35
CA HIS B 425 -4.11 -29.17 1.35
C HIS B 425 -4.80 -27.91 1.83
C HIS B 425 -4.78 -27.90 1.82
N LEU B 426 -4.21 -26.76 1.40
CA LEU B 426 -4.65 -25.41 1.74
C LEU B 426 -5.30 -24.83 0.50
N GLN B 427 -6.64 -24.80 0.52
CA GLN B 427 -7.44 -24.30 -0.58
C GLN B 427 -8.13 -22.99 -0.24
N LYS B 428 -8.06 -22.00 -1.15
CA LYS B 428 -8.66 -20.67 -1.00
C LYS B 428 -10.18 -20.75 -0.66
N GLY B 429 -10.56 -20.05 0.41
CA GLY B 429 -11.94 -20.00 0.91
C GLY B 429 -12.47 -21.29 1.52
N LYS B 430 -11.68 -22.37 1.50
CA LYS B 430 -12.08 -23.67 2.02
C LYS B 430 -11.67 -23.87 3.49
N ALA B 431 -11.79 -25.11 3.98
CA ALA B 431 -11.47 -25.56 5.34
C ALA B 431 -10.00 -25.27 5.68
N PRO B 432 -9.66 -24.93 6.95
CA PRO B 432 -8.25 -24.69 7.27
C PRO B 432 -7.43 -25.98 7.32
N ALA B 433 -6.11 -25.84 7.06
CA ALA B 433 -5.15 -26.90 7.19
C ALA B 433 -4.82 -27.00 8.70
N VAL B 434 -4.78 -28.24 9.22
CA VAL B 434 -4.47 -28.54 10.61
C VAL B 434 -3.10 -29.19 10.67
N PHE B 435 -2.25 -28.71 11.60
CA PHE B 435 -0.88 -29.18 11.82
C PHE B 435 -0.69 -29.40 13.33
N VAL B 436 -0.02 -30.50 13.69
CA VAL B 436 0.26 -30.84 15.08
C VAL B 436 1.79 -30.89 15.27
N LYS B 437 2.26 -30.63 16.50
CA LYS B 437 3.68 -30.58 16.86
C LYS B 437 4.36 -31.95 16.65
N CYS B 438 5.50 -31.97 15.93
CA CYS B 438 6.23 -33.19 15.66
C CYS B 438 7.67 -33.15 16.09
N HIS B 439 8.15 -31.97 16.51
CA HIS B 439 9.51 -31.76 17.01
C HIS B 439 9.65 -30.43 17.75
N ASP B 440 10.53 -30.41 18.79
CA ASP B 440 10.90 -29.29 19.67
C ASP B 440 12.40 -29.29 19.87
N LYS B 441 12.97 -28.09 19.91
CA LYS B 441 14.39 -27.84 20.13
C LYS B 441 14.51 -26.55 20.96
N SER B 442 15.43 -26.50 21.93
CA SER B 442 15.75 -25.34 22.77
C SER B 442 17.02 -24.71 22.24
N LEU B 443 17.01 -23.39 22.10
CA LEU B 443 18.12 -22.64 21.54
C LEU B 443 19.01 -21.97 22.61
N ASN B 444 18.39 -21.57 23.75
CA ASN B 444 19.02 -20.93 24.92
C ASN B 444 19.56 -19.54 24.59
N LEU C 43 7.66 33.33 -41.23
CA LEU C 43 7.45 34.31 -40.16
C LEU C 43 8.50 34.19 -39.09
N ARG C 44 8.83 35.33 -38.47
CA ARG C 44 9.80 35.39 -37.38
C ARG C 44 9.09 36.00 -36.20
N CYS C 45 9.01 35.24 -35.09
CA CYS C 45 8.37 35.71 -33.85
C CYS C 45 9.41 35.80 -32.77
N TYR C 46 9.15 36.64 -31.77
CA TYR C 46 9.97 36.74 -30.57
C TYR C 46 9.63 35.49 -29.75
N THR C 47 10.65 34.79 -29.21
CA THR C 47 10.43 33.55 -28.44
C THR C 47 11.09 33.66 -27.06
N CYS C 48 10.32 34.23 -26.11
CA CYS C 48 10.76 34.49 -24.75
C CYS C 48 9.81 33.98 -23.70
N LYS C 49 10.37 33.42 -22.63
CA LYS C 49 9.62 32.88 -21.51
C LYS C 49 9.54 33.89 -20.40
N SER C 50 8.32 34.04 -19.83
CA SER C 50 7.96 34.89 -18.70
C SER C 50 8.96 36.00 -18.39
N LEU C 51 8.96 37.07 -19.20
CA LEU C 51 9.85 38.22 -18.95
C LEU C 51 9.18 39.24 -18.05
N PRO C 52 9.91 39.95 -17.15
CA PRO C 52 9.26 41.04 -16.38
C PRO C 52 8.78 42.13 -17.32
N ARG C 53 7.66 42.79 -16.97
CA ARG C 53 7.02 43.84 -17.79
C ARG C 53 8.00 44.72 -18.59
N ASP C 54 9.01 45.23 -17.89
CA ASP C 54 10.02 46.17 -18.37
C ASP C 54 11.34 45.49 -18.75
N GLU C 55 11.20 44.37 -19.47
CA GLU C 55 12.28 43.62 -20.10
C GLU C 55 11.85 43.31 -21.52
N ARG C 56 12.76 43.58 -22.47
CA ARG C 56 12.59 43.41 -23.91
C ARG C 56 13.10 42.05 -24.36
N CYS C 57 12.33 41.37 -25.21
CA CYS C 57 12.72 40.08 -25.77
C CYS C 57 13.78 40.25 -26.87
N ASP C 58 15.00 39.73 -26.62
CA ASP C 58 16.14 39.79 -27.56
C ASP C 58 16.26 38.46 -28.36
N LEU C 59 15.24 37.57 -28.21
CA LEU C 59 15.21 36.23 -28.82
C LEU C 59 14.21 36.08 -29.93
N THR C 60 14.62 35.36 -30.99
CA THR C 60 13.78 35.16 -32.18
C THR C 60 13.77 33.70 -32.67
N GLN C 61 12.75 33.36 -33.46
CA GLN C 61 12.61 32.02 -34.04
C GLN C 61 11.81 32.09 -35.33
N ASP C 62 12.35 31.43 -36.37
CA ASP C 62 11.68 31.33 -37.68
C ASP C 62 10.63 30.23 -37.50
N CYS C 63 9.35 30.60 -37.62
CA CYS C 63 8.20 29.70 -37.41
C CYS C 63 8.06 28.67 -38.51
N SER C 64 7.23 27.64 -38.25
CA SER C 64 6.86 26.58 -39.19
C SER C 64 5.66 27.05 -40.01
N HIS C 65 5.13 26.20 -40.89
CA HIS C 65 3.98 26.56 -41.71
C HIS C 65 2.68 26.64 -40.89
N GLY C 66 1.85 27.64 -41.20
CA GLY C 66 0.57 27.88 -40.54
C GLY C 66 0.68 28.52 -39.18
N GLN C 67 1.92 28.85 -38.74
CA GLN C 67 2.22 29.44 -37.43
C GLN C 67 2.15 30.95 -37.40
N THR C 68 1.63 31.48 -36.29
CA THR C 68 1.48 32.92 -36.03
C THR C 68 2.21 33.33 -34.75
N CYS C 69 2.39 34.64 -34.54
CA CYS C 69 3.02 35.17 -33.33
C CYS C 69 2.00 35.35 -32.23
N THR C 70 2.32 34.84 -31.04
CA THR C 70 1.46 34.99 -29.88
C THR C 70 2.22 35.73 -28.78
N THR C 71 1.45 36.42 -27.94
CA THR C 71 1.92 37.20 -26.79
C THR C 71 0.96 36.86 -25.67
N LEU C 72 1.50 36.40 -24.54
CA LEU C 72 0.69 36.10 -23.38
C LEU C 72 1.18 37.06 -22.31
N ILE C 73 0.27 37.92 -21.83
CA ILE C 73 0.54 38.87 -20.76
C ILE C 73 -0.26 38.37 -19.57
N ALA C 74 0.40 38.30 -18.38
CA ALA C 74 -0.21 37.93 -17.09
C ALA C 74 -0.05 39.12 -16.20
N HIS C 75 -1.15 39.59 -15.63
CA HIS C 75 -1.14 40.72 -14.73
C HIS C 75 -1.91 40.36 -13.45
N GLY C 76 -1.22 40.49 -12.32
CA GLY C 76 -1.80 40.17 -11.02
C GLY C 76 -0.84 40.26 -9.87
N ASN C 77 -1.39 40.13 -8.65
CA ASN C 77 -0.72 40.20 -7.35
C ASN C 77 0.18 38.98 -7.05
N THR C 78 1.42 39.24 -6.56
CA THR C 78 2.36 38.19 -6.17
C THR C 78 2.89 38.48 -4.75
N GLU C 79 3.73 37.60 -4.18
CA GLU C 79 4.32 37.86 -2.86
C GLU C 79 5.57 38.74 -3.01
N SER C 80 5.51 39.67 -4.00
CA SER C 80 6.51 40.64 -4.43
C SER C 80 5.81 41.85 -5.07
N GLY C 81 4.49 41.95 -4.84
CA GLY C 81 3.65 43.01 -5.37
C GLY C 81 2.97 42.66 -6.69
N LEU C 82 2.12 43.58 -7.21
CA LEU C 82 1.43 43.42 -8.49
C LEU C 82 2.45 43.33 -9.61
N LEU C 83 2.46 42.19 -10.31
CA LEU C 83 3.43 41.87 -11.35
C LEU C 83 2.82 41.62 -12.74
N THR C 84 3.50 42.14 -13.77
CA THR C 84 3.16 41.96 -15.17
C THR C 84 4.31 41.20 -15.82
N THR C 85 3.97 40.13 -16.52
CA THR C 85 4.93 39.27 -17.23
C THR C 85 4.47 39.15 -18.67
N HIS C 86 5.42 38.85 -19.57
CA HIS C 86 5.07 38.62 -20.96
C HIS C 86 5.86 37.47 -21.52
N SER C 87 5.16 36.57 -22.20
CA SER C 87 5.71 35.40 -22.87
C SER C 87 5.33 35.50 -24.31
N THR C 88 6.24 35.07 -25.19
CA THR C 88 6.08 35.16 -26.64
C THR C 88 6.62 33.90 -27.32
N TRP C 89 5.94 33.39 -28.40
CA TRP C 89 6.35 32.18 -29.19
C TRP C 89 5.56 31.98 -30.53
N CYS C 90 6.07 31.08 -31.43
CA CYS C 90 5.41 30.63 -32.67
C CYS C 90 4.39 29.60 -32.24
N THR C 91 3.10 29.84 -32.48
CA THR C 91 2.08 28.84 -32.14
C THR C 91 1.36 28.39 -33.43
N ASP C 92 0.89 27.11 -33.48
CA ASP C 92 0.27 26.54 -34.67
C ASP C 92 -1.09 27.17 -35.00
N SER C 93 -1.93 27.38 -33.97
CA SER C 93 -3.21 28.05 -34.15
C SER C 93 -3.39 28.97 -32.96
N CYS C 94 -3.39 30.27 -33.23
CA CYS C 94 -3.53 31.26 -32.18
C CYS C 94 -4.97 31.71 -32.12
N GLN C 95 -5.54 31.72 -30.92
CA GLN C 95 -6.89 32.20 -30.67
C GLN C 95 -6.88 33.24 -29.55
N PRO C 96 -7.22 34.51 -29.86
CA PRO C 96 -7.23 35.55 -28.81
C PRO C 96 -8.19 35.25 -27.65
N ILE C 97 -7.80 35.66 -26.43
CA ILE C 97 -8.53 35.45 -25.18
C ILE C 97 -8.04 36.44 -24.11
N THR C 98 -8.95 36.80 -23.20
CA THR C 98 -8.72 37.60 -22.00
C THR C 98 -9.60 36.97 -20.94
N LYS C 99 -8.94 36.38 -19.92
CA LYS C 99 -9.60 35.66 -18.85
C LYS C 99 -8.97 35.99 -17.55
N THR C 100 -9.80 36.22 -16.53
CA THR C 100 -9.30 36.46 -15.19
C THR C 100 -9.31 35.10 -14.51
N VAL C 101 -8.13 34.55 -14.20
CA VAL C 101 -8.03 33.23 -13.58
C VAL C 101 -7.40 33.33 -12.19
N GLU C 102 -8.26 33.21 -11.16
CA GLU C 102 -7.93 33.24 -9.73
C GLU C 102 -7.15 34.49 -9.33
N GLY C 103 -7.62 35.65 -9.81
CA GLY C 103 -7.01 36.96 -9.55
C GLY C 103 -5.74 37.23 -10.32
N THR C 104 -5.73 36.83 -11.62
CA THR C 104 -4.62 37.01 -12.58
C THR C 104 -5.24 37.19 -13.98
N GLN C 105 -5.16 38.40 -14.50
CA GLN C 105 -5.64 38.75 -15.83
C GLN C 105 -4.65 38.15 -16.85
N VAL C 106 -5.13 37.21 -17.65
CA VAL C 106 -4.34 36.53 -18.65
C VAL C 106 -4.81 36.94 -20.05
N THR C 107 -3.96 37.67 -20.80
CA THR C 107 -4.26 38.19 -22.13
C THR C 107 -3.43 37.51 -23.23
N MET C 108 -4.09 36.83 -24.15
CA MET C 108 -3.42 36.28 -25.31
C MET C 108 -3.88 37.05 -26.54
N THR C 109 -2.90 37.44 -27.37
CA THR C 109 -3.10 38.19 -28.61
C THR C 109 -2.41 37.44 -29.72
N CYS C 110 -2.81 37.71 -30.98
CA CYS C 110 -2.28 37.02 -32.14
C CYS C 110 -1.83 37.96 -33.22
N CYS C 111 -0.85 37.48 -33.99
CA CYS C 111 -0.06 38.25 -34.91
C CYS C 111 0.42 37.53 -36.19
N GLN C 112 0.35 38.20 -37.38
CA GLN C 112 0.77 37.63 -38.68
C GLN C 112 2.03 38.28 -39.26
N SER C 113 2.56 39.38 -38.66
CA SER C 113 3.75 40.05 -39.21
C SER C 113 5.00 39.77 -38.39
N SER C 114 6.17 39.73 -39.03
CA SER C 114 7.44 39.43 -38.38
C SER C 114 7.76 40.38 -37.21
N LEU C 115 8.24 39.80 -36.09
CA LEU C 115 8.66 40.49 -34.85
C LEU C 115 7.60 41.48 -34.30
N CYS C 116 6.33 41.11 -34.43
CA CYS C 116 5.17 41.89 -34.03
C CYS C 116 4.64 41.50 -32.66
N ASN C 117 5.07 40.32 -32.14
CA ASN C 117 4.64 39.84 -30.83
C ASN C 117 5.40 40.58 -29.73
N VAL C 118 5.04 41.86 -29.60
CA VAL C 118 5.62 42.81 -28.65
C VAL C 118 4.45 43.30 -27.78
N PRO C 119 4.57 43.28 -26.43
CA PRO C 119 3.45 43.80 -25.60
C PRO C 119 3.07 45.25 -25.92
N PRO C 120 1.77 45.63 -25.82
CA PRO C 120 1.34 47.00 -26.18
C PRO C 120 2.13 48.14 -25.56
N TRP C 121 2.67 47.94 -24.32
CA TRP C 121 3.45 48.95 -23.58
C TRP C 121 4.90 49.07 -24.08
N GLN C 122 5.26 48.36 -25.15
CA GLN C 122 6.61 48.37 -25.71
C GLN C 122 6.65 48.87 -27.15
N SER C 123 5.56 48.66 -27.92
CA SER C 123 5.37 49.09 -29.33
C SER C 123 3.90 48.97 -29.72
N LEU D 43 21.41 -41.30 26.26
CA LEU D 43 20.10 -41.83 25.92
C LEU D 43 19.89 -41.88 24.42
N ARG D 44 19.13 -42.89 23.96
CA ARG D 44 18.78 -43.05 22.55
C ARG D 44 17.27 -43.05 22.48
N CYS D 45 16.70 -42.09 21.75
CA CYS D 45 15.26 -41.97 21.56
C CYS D 45 14.94 -42.19 20.10
N TYR D 46 13.69 -42.60 19.83
CA TYR D 46 13.17 -42.72 18.49
C TYR D 46 12.88 -41.27 18.04
N THR D 47 13.28 -40.89 16.81
CA THR D 47 13.09 -39.52 16.32
C THR D 47 12.34 -39.55 14.98
N CYS D 48 11.01 -39.56 15.07
CA CYS D 48 10.12 -39.64 13.95
C CYS D 48 9.02 -38.58 13.96
N LYS D 49 8.73 -38.02 12.77
CA LYS D 49 7.68 -37.03 12.60
C LYS D 49 6.39 -37.69 12.15
N SER D 50 5.28 -37.26 12.73
CA SER D 50 3.90 -37.64 12.47
C SER D 50 3.76 -38.95 11.74
N LEU D 51 3.93 -40.06 12.47
CA LEU D 51 3.80 -41.36 11.83
C LEU D 51 2.42 -41.94 12.03
N PRO D 52 1.83 -42.63 10.99
CA PRO D 52 0.49 -43.23 11.16
C PRO D 52 0.53 -44.28 12.27
N ARG D 53 -0.65 -44.57 12.88
CA ARG D 53 -0.87 -45.52 14.00
C ARG D 53 -0.03 -46.84 13.97
N ASP D 54 -0.04 -47.58 12.84
CA ASP D 54 0.65 -48.88 12.76
C ASP D 54 2.12 -48.77 12.25
N GLU D 55 2.56 -47.58 11.89
CA GLU D 55 3.93 -47.41 11.41
C GLU D 55 4.83 -47.36 12.62
N ARG D 56 5.90 -48.15 12.58
CA ARG D 56 6.94 -48.29 13.60
C ARG D 56 8.12 -47.39 13.23
N CYS D 57 8.60 -46.61 14.18
CA CYS D 57 9.70 -45.69 13.95
C CYS D 57 11.06 -46.44 13.83
N ASP D 58 11.70 -46.36 12.67
CA ASP D 58 13.01 -46.97 12.45
C ASP D 58 14.08 -45.85 12.32
N LEU D 59 13.94 -44.82 13.15
CA LEU D 59 14.83 -43.64 13.19
C LEU D 59 15.17 -43.32 14.62
N THR D 60 16.46 -43.29 14.91
CA THR D 60 16.97 -43.08 16.25
C THR D 60 17.93 -41.89 16.33
N GLN D 61 18.15 -41.39 17.54
CA GLN D 61 19.05 -40.27 17.79
C GLN D 61 19.60 -40.35 19.21
N ASP D 62 20.93 -40.21 19.33
CA ASP D 62 21.62 -40.16 20.61
C ASP D 62 21.39 -38.74 21.16
N CYS D 63 20.67 -38.63 22.29
CA CYS D 63 20.30 -37.34 22.90
C CYS D 63 21.47 -36.63 23.53
N SER D 64 21.27 -35.35 23.89
CA SER D 64 22.25 -34.51 24.58
C SER D 64 22.12 -34.73 26.10
N HIS D 65 22.95 -34.03 26.90
CA HIS D 65 22.99 -34.04 28.37
C HIS D 65 21.65 -33.54 28.91
N GLY D 66 21.05 -34.35 29.80
CA GLY D 66 19.77 -34.07 30.44
C GLY D 66 18.58 -34.01 29.50
N GLN D 67 18.54 -34.93 28.51
CA GLN D 67 17.46 -35.00 27.54
C GLN D 67 16.67 -36.31 27.66
N THR D 68 15.32 -36.24 27.78
CA THR D 68 14.42 -37.41 27.88
C THR D 68 13.63 -37.68 26.59
N CYS D 69 13.12 -38.91 26.42
CA CYS D 69 12.32 -39.34 25.28
C CYS D 69 10.87 -38.90 25.42
N THR D 70 10.34 -38.28 24.37
CA THR D 70 8.96 -37.83 24.34
C THR D 70 8.22 -38.53 23.20
N THR D 71 6.90 -38.68 23.39
CA THR D 71 5.95 -39.25 22.43
C THR D 71 4.75 -38.30 22.43
N LEU D 72 4.39 -37.82 21.25
CA LEU D 72 3.22 -36.99 21.09
C LEU D 72 2.26 -37.76 20.22
N ILE D 73 1.07 -38.03 20.75
CA ILE D 73 -0.02 -38.79 20.13
C ILE D 73 -1.17 -37.86 19.87
N ALA D 74 -1.65 -37.87 18.64
CA ALA D 74 -2.78 -37.07 18.24
C ALA D 74 -3.84 -38.04 17.76
N HIS D 75 -5.02 -37.96 18.34
CA HIS D 75 -6.14 -38.80 17.96
C HIS D 75 -7.37 -37.93 17.69
N GLY D 76 -7.91 -38.05 16.47
CA GLY D 76 -9.08 -37.29 16.06
C GLY D 76 -9.46 -37.47 14.60
N ASN D 77 -10.62 -36.88 14.24
CA ASN D 77 -11.27 -36.91 12.93
C ASN D 77 -10.54 -36.09 11.85
N THR D 78 -10.36 -36.67 10.65
CA THR D 78 -9.75 -36.00 9.49
C THR D 78 -10.69 -36.16 8.25
N GLU D 79 -10.33 -35.54 7.12
CA GLU D 79 -11.10 -35.70 5.88
C GLU D 79 -10.68 -37.01 5.15
N SER D 80 -10.33 -38.04 5.97
CA SER D 80 -9.88 -39.39 5.64
C SER D 80 -10.27 -40.36 6.78
N GLY D 81 -11.16 -39.89 7.68
CA GLY D 81 -11.62 -40.66 8.85
C GLY D 81 -10.82 -40.38 10.11
N LEU D 82 -11.22 -40.99 11.24
CA LEU D 82 -10.54 -40.85 12.53
C LEU D 82 -9.11 -41.40 12.43
N LEU D 83 -8.14 -40.52 12.68
CA LEU D 83 -6.72 -40.81 12.53
C LEU D 83 -5.90 -40.65 13.82
N THR D 84 -4.97 -41.59 14.03
CA THR D 84 -4.01 -41.57 15.13
C THR D 84 -2.63 -41.44 14.55
N THR D 85 -1.85 -40.50 15.08
CA THR D 85 -0.48 -40.22 14.65
C THR D 85 0.42 -40.24 15.89
N HIS D 86 1.73 -40.45 15.70
CA HIS D 86 2.69 -40.38 16.80
C HIS D 86 4.00 -39.83 16.34
N SER D 87 4.45 -38.83 17.05
CA SER D 87 5.71 -38.14 16.83
C SER D 87 6.57 -38.40 18.03
N THR D 88 7.88 -38.57 17.80
CA THR D 88 8.84 -38.92 18.83
C THR D 88 10.15 -38.13 18.62
N TRP D 89 10.82 -37.67 19.72
CA TRP D 89 12.11 -36.94 19.71
C TRP D 89 12.81 -36.77 21.11
N CYS D 90 14.12 -36.37 21.11
CA CYS D 90 14.93 -36.02 22.30
C CYS D 90 14.52 -34.58 22.63
N THR D 91 14.03 -34.32 23.84
CA THR D 91 13.69 -32.94 24.18
C THR D 91 14.52 -32.49 25.36
N ASP D 92 14.63 -31.17 25.59
CA ASP D 92 15.42 -30.63 26.70
C ASP D 92 14.70 -30.79 28.05
N SER D 93 13.38 -30.57 28.08
CA SER D 93 12.57 -30.76 29.28
C SER D 93 11.24 -31.28 28.81
N CYS D 94 10.91 -32.51 29.22
CA CYS D 94 9.65 -33.14 28.86
C CYS D 94 8.63 -32.93 29.96
N GLN D 95 7.43 -32.48 29.58
CA GLN D 95 6.33 -32.29 30.52
C GLN D 95 5.08 -33.02 30.03
N PRO D 96 4.61 -34.07 30.76
CA PRO D 96 3.38 -34.77 30.34
C PRO D 96 2.14 -33.88 30.32
N ILE D 97 1.24 -34.12 29.36
CA ILE D 97 -0.03 -33.39 29.14
C ILE D 97 -0.99 -34.23 28.30
N THR D 98 -2.29 -34.02 28.50
CA THR D 98 -3.39 -34.58 27.72
C THR D 98 -4.43 -33.46 27.60
N LYS D 99 -4.63 -32.96 26.37
CA LYS D 99 -5.54 -31.86 26.08
C LYS D 99 -6.29 -32.11 24.80
N THR D 100 -7.59 -31.80 24.75
CA THR D 100 -8.37 -31.97 23.52
C THR D 100 -8.48 -30.61 22.80
N VAL D 101 -7.67 -30.40 21.78
CA VAL D 101 -7.62 -29.14 21.05
C VAL D 101 -8.39 -29.20 19.74
N GLU D 102 -9.57 -28.55 19.74
CA GLU D 102 -10.51 -28.42 18.62
C GLU D 102 -10.91 -29.78 18.02
N GLY D 103 -11.26 -30.72 18.91
CA GLY D 103 -11.66 -32.08 18.56
C GLY D 103 -10.52 -33.00 18.13
N THR D 104 -9.37 -32.90 18.82
CA THR D 104 -8.15 -33.69 18.61
C THR D 104 -7.48 -33.90 19.98
N GLN D 105 -7.52 -35.14 20.48
CA GLN D 105 -6.91 -35.52 21.73
C GLN D 105 -5.39 -35.56 21.51
N VAL D 106 -4.67 -34.69 22.20
CA VAL D 106 -3.22 -34.56 22.11
C VAL D 106 -2.57 -35.05 23.42
N THR D 107 -1.83 -36.17 23.35
CA THR D 107 -1.17 -36.80 24.51
C THR D 107 0.37 -36.73 24.41
N MET D 108 1.02 -36.11 25.42
CA MET D 108 2.49 -36.05 25.52
C MET D 108 2.93 -36.84 26.75
N THR D 109 3.79 -37.83 26.54
CA THR D 109 4.32 -38.71 27.58
C THR D 109 5.83 -38.58 27.61
N CYS D 110 6.45 -38.94 28.73
CA CYS D 110 7.88 -38.80 28.91
C CYS D 110 8.53 -40.10 29.44
N CYS D 111 9.75 -40.45 28.98
CA CYS D 111 10.48 -41.62 29.47
C CYS D 111 12.01 -41.45 29.35
N GLN D 112 12.71 -42.05 30.34
CA GLN D 112 14.16 -42.00 30.65
C GLN D 112 14.97 -43.20 30.14
N SER D 113 14.30 -44.21 29.55
CA SER D 113 14.99 -45.41 29.03
C SER D 113 15.35 -45.28 27.54
N SER D 114 16.36 -46.02 27.07
CA SER D 114 16.68 -46.01 25.65
C SER D 114 15.57 -46.72 24.85
N LEU D 115 15.20 -46.13 23.70
CA LEU D 115 14.20 -46.61 22.75
C LEU D 115 12.84 -46.98 23.40
N CYS D 116 12.44 -46.17 24.39
CA CYS D 116 11.21 -46.31 25.18
C CYS D 116 10.06 -45.45 24.67
N ASN D 117 10.36 -44.39 23.88
CA ASN D 117 9.30 -43.51 23.36
C ASN D 117 8.56 -44.20 22.19
N VAL D 118 7.80 -45.25 22.56
CA VAL D 118 7.00 -46.09 21.69
C VAL D 118 5.53 -45.92 22.13
N PRO D 119 4.57 -45.68 21.21
CA PRO D 119 3.17 -45.55 21.63
C PRO D 119 2.65 -46.81 22.38
N PRO D 120 1.75 -46.65 23.38
CA PRO D 120 1.27 -47.82 24.15
C PRO D 120 0.76 -49.04 23.36
N TRP D 121 0.12 -48.82 22.20
CA TRP D 121 -0.42 -49.87 21.31
C TRP D 121 0.67 -50.62 20.50
N GLN D 122 1.95 -50.24 20.69
CA GLN D 122 3.08 -50.90 20.02
C GLN D 122 3.94 -51.69 21.02
N SER D 123 3.57 -51.63 22.31
CA SER D 123 4.26 -52.36 23.39
C SER D 123 3.37 -53.47 24.02
N SER D 124 2.01 -53.33 23.94
CA SER D 124 1.01 -54.25 24.52
C SER D 124 -0.41 -53.94 24.03
C1 NAG E . 20.65 22.32 -5.89
C2 NAG E . 21.69 22.35 -4.76
C3 NAG E . 22.05 23.80 -4.46
C4 NAG E . 22.58 24.51 -5.71
C5 NAG E . 21.61 24.33 -6.89
C6 NAG E . 22.23 24.75 -8.20
C7 NAG E . 21.77 20.47 -3.19
C8 NAG E . 21.45 20.03 -1.79
N2 NAG E . 21.28 21.66 -3.54
O3 NAG E . 23.07 23.82 -3.46
O4 NAG E . 22.76 25.90 -5.42
O5 NAG E . 21.23 22.95 -7.04
O6 NAG E . 21.32 24.63 -9.27
O7 NAG E . 22.43 19.78 -3.95
C1 NAG F . -30.95 0.48 -47.27
C2 NAG F . -31.98 1.58 -47.10
C3 NAG F . -31.57 2.79 -47.95
C4 NAG F . -30.12 3.20 -47.66
C5 NAG F . -29.18 2.01 -47.74
C6 NAG F . -27.77 2.31 -47.26
C7 NAG F . -34.38 1.11 -46.73
C8 NAG F . -35.50 0.19 -47.14
N2 NAG F . -33.28 1.08 -47.52
O3 NAG F . -32.44 3.86 -47.66
O4 NAG F . -29.71 4.23 -48.56
O5 NAG F . -29.66 0.95 -46.90
O6 NAG F . -26.95 1.15 -47.22
O7 NAG F . -34.46 1.82 -45.74
C1 MLI G . -30.62 -21.17 -28.69
C2 MLI G . -31.77 -21.03 -27.68
C3 MLI G . -29.37 -21.93 -28.22
O6 MLI G . -32.91 -21.39 -28.06
O7 MLI G . -31.52 -20.55 -26.56
O8 MLI G . -29.30 -22.36 -27.05
O9 MLI G . -28.43 -22.05 -29.04
CA CA H . -9.39 -18.14 -33.34
C1 NAG I . 7.11 -28.67 -7.10
C2 NAG I . 6.90 -28.85 -8.60
C3 NAG I . 6.36 -30.24 -8.90
C4 NAG I . 7.28 -31.32 -8.34
C5 NAG I . 7.58 -31.07 -6.86
C6 NAG I . 8.69 -31.94 -6.33
C7 NAG I . 6.52 -26.84 -9.97
C8 NAG I . 5.50 -26.06 -10.74
N2 NAG I . 6.05 -27.84 -9.20
O3 NAG I . 6.25 -30.41 -10.31
O4 NAG I . 6.65 -32.59 -8.48
O5 NAG I . 8.01 -29.70 -6.66
O6 NAG I . 8.92 -31.73 -4.95
O7 NAG I . 7.72 -26.60 -10.05
C1 NAG J . 15.90 3.56 54.34
C2 NAG J . 14.70 3.05 55.14
C3 NAG J . 15.02 1.67 55.73
C4 NAG J . 15.49 0.71 54.64
C5 NAG J . 16.60 1.33 53.79
C6 NAG J . 16.96 0.50 52.57
C7 NAG J . 13.21 4.59 56.41
C8 NAG J . 13.21 5.82 57.27
N2 NAG J . 14.43 4.03 56.19
O3 NAG J . 13.83 1.16 56.33
O4 NAG J . 15.89 -0.53 55.21
O5 NAG J . 16.18 2.61 53.31
O6 NAG J . 17.87 1.19 51.72
O7 NAG J . 12.18 4.11 55.94
CA CA K . 26.06 14.20 26.16
#